data_1GVM
#
_entry.id   1GVM
#
_cell.length_a   56.717
_cell.length_b   85.390
_cell.length_c   204.136
_cell.angle_alpha   90.00
_cell.angle_beta   96.54
_cell.angle_gamma   90.00
#
_symmetry.space_group_name_H-M   'C 1 2 1'
#
loop_
_entity.id
_entity.type
_entity.pdbx_description
1 polymer AUTOLYSIN
2 non-polymer 'CHOLINE ION'
3 non-polymer DECYLAMINE-N,N-DIMETHYL-N-OXIDE
4 non-polymer 2-AMINO-2-HYDROXYMETHYL-PROPANE-1,3-DIOL
5 water water
#
_entity_poly.entity_id   1
_entity_poly.type   'polypeptide(L)'
_entity_poly.pdbx_seq_one_letter_code
;MKGGIVHSDGSYPKDKFEKINGTWYYFDSSGYMLADRWRKHTDGNWYWFDNSGEMATGWKKIADKWYYFNEEGAMKTGWV
KYKDTWYYLDAKEGAMVSNAFIQSADGTGWYYLKPDGTLADRPEFTVEPDGLITVK
;
_entity_poly.pdbx_strand_id   A,B,C,D,E,F
#
# COMPACT_ATOMS: atom_id res chain seq x y z
N GLY A 10 4.99 -31.96 25.98
CA GLY A 10 4.32 -32.30 24.67
C GLY A 10 2.92 -31.72 24.53
N SER A 11 1.99 -32.22 25.32
CA SER A 11 0.63 -31.74 25.27
C SER A 11 0.35 -30.70 26.35
N TYR A 12 1.37 -30.43 27.16
CA TYR A 12 1.25 -29.47 28.26
C TYR A 12 2.40 -28.44 28.22
N PRO A 13 2.19 -27.31 27.52
CA PRO A 13 3.20 -26.26 27.41
C PRO A 13 3.71 -25.77 28.76
N LYS A 14 5.03 -25.80 28.97
CA LYS A 14 5.61 -25.33 30.22
C LYS A 14 6.85 -24.49 30.02
N ASP A 15 6.89 -23.34 30.70
CA ASP A 15 8.00 -22.42 30.61
C ASP A 15 8.51 -22.32 29.19
N LYS A 16 7.69 -21.78 28.29
CA LYS A 16 8.10 -21.65 26.90
C LYS A 16 7.14 -20.71 26.21
N PHE A 17 7.65 -20.03 25.17
CA PHE A 17 6.82 -19.15 24.37
C PHE A 17 6.11 -20.12 23.43
N GLU A 18 5.03 -19.68 22.82
CA GLU A 18 4.31 -20.54 21.90
C GLU A 18 3.40 -19.73 21.02
N LYS A 19 3.51 -19.94 19.72
CA LYS A 19 2.66 -19.23 18.78
C LYS A 19 1.36 -20.02 18.62
N ILE A 20 0.24 -19.40 18.99
CA ILE A 20 -1.07 -20.03 18.92
C ILE A 20 -2.02 -19.16 18.10
N ASN A 21 -2.63 -19.73 17.08
CA ASN A 21 -3.56 -18.97 16.24
C ASN A 21 -2.79 -17.75 15.70
N GLY A 22 -1.52 -17.97 15.38
CA GLY A 22 -0.66 -16.94 14.85
C GLY A 22 -0.30 -15.88 15.87
N THR A 23 -0.55 -16.13 17.15
CA THR A 23 -0.24 -15.14 18.17
C THR A 23 0.71 -15.65 19.25
N TRP A 24 1.66 -14.81 19.66
CA TRP A 24 2.60 -15.25 20.69
C TRP A 24 2.06 -15.10 22.09
N TYR A 25 2.30 -16.14 22.88
CA TYR A 25 1.86 -16.18 24.24
C TYR A 25 3.05 -16.74 24.99
N TYR A 26 3.10 -16.52 26.30
CA TYR A 26 4.17 -17.10 27.12
C TYR A 26 3.52 -17.97 28.19
N PHE A 27 3.96 -19.22 28.30
CA PHE A 27 3.38 -20.14 29.28
C PHE A 27 4.21 -20.33 30.55
N ASP A 28 3.61 -20.06 31.72
CA ASP A 28 4.34 -20.22 32.96
C ASP A 28 4.45 -21.70 33.32
N SER A 29 5.00 -21.98 34.49
CA SER A 29 5.19 -23.36 34.90
C SER A 29 3.93 -24.21 35.04
N SER A 30 2.79 -23.60 35.29
CA SER A 30 1.53 -24.32 35.43
C SER A 30 0.90 -24.68 34.09
N GLY A 31 1.30 -23.99 33.04
CA GLY A 31 0.72 -24.25 31.75
C GLY A 31 -0.35 -23.19 31.48
N TYR A 32 -0.31 -22.12 32.27
CA TYR A 32 -1.25 -21.03 32.09
C TYR A 32 -0.54 -19.84 31.47
N MET A 33 -1.23 -19.14 30.57
CA MET A 33 -0.62 -17.99 29.93
C MET A 33 -0.33 -16.91 30.95
N LEU A 34 0.71 -16.12 30.71
CA LEU A 34 1.00 -15.03 31.61
C LEU A 34 0.05 -13.96 31.10
N ALA A 35 -0.45 -13.12 31.99
CA ALA A 35 -1.37 -12.06 31.60
C ALA A 35 -1.10 -10.83 32.46
N ASP A 36 -0.82 -9.70 31.81
CA ASP A 36 -0.51 -8.44 32.50
C ASP A 36 0.74 -8.59 33.36
N ARG A 37 1.81 -9.10 32.76
CA ARG A 37 3.07 -9.31 33.44
C ARG A 37 4.28 -9.11 32.55
N TRP A 38 5.31 -8.46 33.07
CA TRP A 38 6.54 -8.30 32.30
C TRP A 38 7.21 -9.63 32.55
N ARG A 39 8.09 -10.07 31.65
CA ARG A 39 8.76 -11.33 31.86
C ARG A 39 10.09 -11.39 31.16
N LYS A 40 11.13 -10.90 31.83
CA LYS A 40 12.47 -10.92 31.26
C LYS A 40 12.80 -12.34 30.83
N HIS A 41 12.88 -12.54 29.52
CA HIS A 41 13.16 -13.85 28.96
C HIS A 41 14.61 -14.25 29.21
N THR A 42 14.95 -15.42 28.69
CA THR A 42 16.27 -16.00 28.83
C THR A 42 17.29 -15.36 27.86
N ASP A 43 16.79 -14.54 26.92
CA ASP A 43 17.65 -13.86 25.96
C ASP A 43 18.03 -12.44 26.37
N GLY A 44 17.65 -12.05 27.59
CA GLY A 44 18.01 -10.72 28.08
C GLY A 44 17.11 -9.58 27.64
N ASN A 45 15.93 -9.91 27.13
CA ASN A 45 15.00 -8.88 26.70
C ASN A 45 13.75 -8.89 27.56
N TRP A 46 13.05 -7.76 27.57
CA TRP A 46 11.84 -7.69 28.33
C TRP A 46 10.63 -7.94 27.42
N TYR A 47 9.63 -8.61 27.95
CA TYR A 47 8.43 -8.85 27.18
C TYR A 47 7.21 -8.52 28.02
N TRP A 48 6.15 -8.02 27.41
CA TRP A 48 4.93 -7.71 28.13
C TRP A 48 3.75 -8.43 27.45
N PHE A 49 2.77 -8.86 28.23
CA PHE A 49 1.61 -9.55 27.68
C PHE A 49 0.36 -8.86 28.20
N ASP A 50 -0.57 -8.56 27.32
CA ASP A 50 -1.80 -7.88 27.72
C ASP A 50 -2.77 -8.79 28.46
N ASN A 51 -3.97 -8.27 28.74
CA ASN A 51 -4.99 -9.01 29.48
C ASN A 51 -5.32 -10.38 28.87
N SER A 52 -5.22 -10.48 27.55
CA SER A 52 -5.49 -11.75 26.85
C SER A 52 -4.24 -12.62 26.92
N GLY A 53 -3.10 -11.96 27.12
CA GLY A 53 -1.83 -12.65 27.20
C GLY A 53 -1.08 -12.62 25.88
N GLU A 54 -1.49 -11.72 24.99
CA GLU A 54 -0.83 -11.60 23.69
C GLU A 54 0.47 -10.87 23.94
N MET A 55 1.53 -11.29 23.26
CA MET A 55 2.82 -10.64 23.44
C MET A 55 2.87 -9.27 22.81
N ALA A 56 3.22 -8.27 23.61
CA ALA A 56 3.29 -6.89 23.13
C ALA A 56 4.17 -6.66 21.90
N THR A 57 3.70 -5.80 21.00
CA THR A 57 4.42 -5.40 19.79
C THR A 57 4.10 -3.92 19.50
N GLY A 58 5.10 -3.15 19.10
CA GLY A 58 4.89 -1.74 18.82
C GLY A 58 4.87 -0.91 20.10
N TRP A 59 3.98 0.07 20.17
CA TRP A 59 3.90 0.90 21.36
C TRP A 59 2.82 0.39 22.30
N LYS A 60 3.05 0.56 23.60
CA LYS A 60 2.09 0.11 24.59
C LYS A 60 2.16 1.01 25.81
N LYS A 61 1.02 1.56 26.21
CA LYS A 61 0.98 2.42 27.39
C LYS A 61 0.68 1.49 28.57
N ILE A 62 1.74 1.10 29.27
CA ILE A 62 1.65 0.21 30.41
C ILE A 62 1.79 0.99 31.71
N ALA A 63 0.76 0.97 32.53
CA ALA A 63 0.75 1.69 33.79
C ALA A 63 1.07 3.17 33.52
N ASP A 64 0.26 3.77 32.67
CA ASP A 64 0.40 5.17 32.30
C ASP A 64 1.82 5.61 31.91
N LYS A 65 2.64 4.65 31.45
CA LYS A 65 4.00 4.93 31.00
C LYS A 65 4.10 4.30 29.63
N TRP A 66 4.83 4.91 28.71
CA TRP A 66 4.92 4.34 27.38
C TRP A 66 6.13 3.46 27.13
N TYR A 67 5.94 2.44 26.31
CA TYR A 67 7.00 1.53 25.95
C TYR A 67 6.88 1.20 24.47
N TYR A 68 7.99 0.76 23.88
CA TYR A 68 8.02 0.38 22.48
C TYR A 68 8.75 -0.96 22.39
N PHE A 69 8.14 -1.90 21.68
CA PHE A 69 8.72 -3.22 21.53
C PHE A 69 8.96 -3.41 20.05
N ASN A 70 9.92 -4.25 19.69
CA ASN A 70 10.19 -4.52 18.28
C ASN A 70 9.18 -5.55 17.83
N GLU A 71 9.05 -5.72 16.53
CA GLU A 71 8.11 -6.67 15.97
C GLU A 71 8.33 -8.10 16.44
N GLU A 72 9.36 -8.32 17.24
CA GLU A 72 9.67 -9.65 17.74
C GLU A 72 9.32 -9.82 19.20
N GLY A 73 8.85 -8.75 19.83
CA GLY A 73 8.50 -8.84 21.23
C GLY A 73 9.49 -8.17 22.17
N ALA A 74 10.76 -8.16 21.80
CA ALA A 74 11.81 -7.56 22.63
C ALA A 74 11.58 -6.07 22.84
N MET A 75 11.65 -5.63 24.08
CA MET A 75 11.47 -4.22 24.44
C MET A 75 12.69 -3.40 24.03
N LYS A 76 12.45 -2.31 23.30
CA LYS A 76 13.53 -1.43 22.87
C LYS A 76 13.87 -0.36 23.89
N THR A 77 15.08 0.17 23.82
CA THR A 77 15.54 1.24 24.71
C THR A 77 16.40 2.17 23.83
N GLY A 78 16.63 3.39 24.29
CA GLY A 78 17.43 4.31 23.51
C GLY A 78 16.59 5.15 22.57
N TRP A 79 17.13 5.50 21.40
CA TRP A 79 16.40 6.30 20.44
C TRP A 79 15.64 5.48 19.41
N VAL A 80 14.32 5.58 19.43
CA VAL A 80 13.52 4.87 18.46
C VAL A 80 12.82 5.93 17.64
N LYS A 81 12.79 5.72 16.32
CA LYS A 81 12.16 6.68 15.42
C LYS A 81 10.76 6.25 15.06
N TYR A 82 9.80 7.12 15.31
CA TYR A 82 8.41 6.82 15.02
C TYR A 82 7.80 7.95 14.20
N LYS A 83 7.19 7.62 13.06
CA LYS A 83 6.58 8.61 12.17
C LYS A 83 7.51 9.79 11.98
N ASP A 84 8.70 9.50 11.47
CA ASP A 84 9.76 10.47 11.23
C ASP A 84 9.88 11.56 12.28
N THR A 85 9.84 11.13 13.54
CA THR A 85 10.00 12.01 14.70
C THR A 85 10.57 11.12 15.79
N TRP A 86 11.73 11.50 16.32
CA TRP A 86 12.40 10.73 17.35
C TRP A 86 11.84 10.84 18.77
N TYR A 87 11.95 9.73 19.49
CA TYR A 87 11.52 9.63 20.87
C TYR A 87 12.69 8.92 21.54
N TYR A 88 12.90 9.17 22.83
CA TYR A 88 13.98 8.49 23.54
C TYR A 88 13.44 7.60 24.66
N LEU A 89 13.94 6.37 24.69
CA LEU A 89 13.53 5.37 25.69
C LEU A 89 14.63 5.08 26.71
N ASP A 90 14.33 5.36 27.97
CA ASP A 90 15.25 5.16 29.07
C ASP A 90 15.85 3.75 29.09
N ALA A 91 17.18 3.66 28.94
CA ALA A 91 17.87 2.38 28.95
C ALA A 91 17.72 1.69 30.30
N LYS A 92 17.35 2.45 31.32
CA LYS A 92 17.18 1.89 32.66
C LYS A 92 15.89 1.05 32.78
N GLU A 93 14.74 1.71 32.72
CA GLU A 93 13.45 1.02 32.86
C GLU A 93 12.64 0.94 31.57
N GLY A 94 13.23 1.38 30.47
CA GLY A 94 12.56 1.33 29.18
C GLY A 94 11.42 2.30 28.92
N ALA A 95 11.08 3.12 29.91
CA ALA A 95 9.99 4.08 29.76
C ALA A 95 10.39 5.31 28.96
N MET A 96 9.39 5.95 28.36
CA MET A 96 9.63 7.13 27.53
C MET A 96 9.95 8.42 28.28
N VAL A 97 11.18 8.89 28.11
CA VAL A 97 11.62 10.12 28.74
C VAL A 97 10.87 11.32 28.11
N SER A 98 10.69 12.38 28.89
CA SER A 98 10.00 13.59 28.44
C SER A 98 10.36 14.78 29.32
N ASN A 99 10.53 15.95 28.67
CA ASN A 99 10.92 17.19 29.34
C ASN A 99 12.17 16.87 30.16
N ALA A 100 13.18 16.39 29.46
CA ALA A 100 14.44 16.03 30.08
C ALA A 100 15.45 16.17 28.98
N PHE A 101 16.73 16.30 29.34
CA PHE A 101 17.79 16.41 28.35
C PHE A 101 18.50 15.06 28.35
N ILE A 102 18.92 14.64 27.17
CA ILE A 102 19.63 13.38 27.05
C ILE A 102 20.93 13.67 26.34
N GLN A 103 22.00 13.09 26.85
CA GLN A 103 23.30 13.35 26.24
C GLN A 103 23.43 12.74 24.86
N SER A 104 24.03 13.48 23.94
CA SER A 104 24.24 12.97 22.61
C SER A 104 25.16 11.77 22.81
N ALA A 105 25.07 10.82 21.89
CA ALA A 105 25.89 9.63 21.95
C ALA A 105 27.40 9.85 22.08
N ASP A 106 27.90 10.98 21.58
CA ASP A 106 29.34 11.25 21.68
C ASP A 106 29.74 12.23 22.80
N GLY A 107 28.85 12.45 23.77
CA GLY A 107 29.13 13.35 24.87
C GLY A 107 29.62 14.74 24.48
N THR A 108 29.08 15.24 23.38
CA THR A 108 29.46 16.55 22.86
C THR A 108 28.39 17.60 23.06
N GLY A 109 27.15 17.12 23.23
CA GLY A 109 26.03 18.00 23.44
C GLY A 109 24.82 17.28 24.01
N TRP A 110 23.70 17.98 24.06
CA TRP A 110 22.47 17.43 24.60
C TRP A 110 21.33 17.55 23.60
N TYR A 111 20.31 16.70 23.76
CA TYR A 111 19.12 16.73 22.94
C TYR A 111 18.02 16.90 23.95
N TYR A 112 17.02 17.70 23.62
CA TYR A 112 15.93 17.94 24.54
C TYR A 112 14.68 17.17 24.17
N LEU A 113 14.12 16.47 25.14
CA LEU A 113 12.88 15.74 24.87
C LEU A 113 11.75 16.55 25.49
N LYS A 114 10.73 16.84 24.68
CA LYS A 114 9.59 17.64 25.11
C LYS A 114 8.58 16.93 26.00
N PRO A 115 7.69 17.69 26.66
CA PRO A 115 6.70 17.08 27.54
C PRO A 115 6.01 15.89 26.90
N ASP A 116 5.66 16.00 25.63
CA ASP A 116 4.96 14.90 24.96
C ASP A 116 5.88 13.75 24.53
N GLY A 117 7.18 13.91 24.74
CA GLY A 117 8.14 12.87 24.40
C GLY A 117 8.89 13.02 23.09
N THR A 118 8.50 14.00 22.28
CA THR A 118 9.16 14.21 20.99
C THR A 118 10.39 15.09 21.01
N LEU A 119 11.39 14.70 20.23
CA LEU A 119 12.64 15.45 20.11
C LEU A 119 12.37 16.81 19.54
N ALA A 120 12.89 17.83 20.20
CA ALA A 120 12.74 19.19 19.71
C ALA A 120 13.98 19.45 18.85
N ASP A 121 13.79 20.04 17.67
CA ASP A 121 14.92 20.31 16.78
C ASP A 121 15.26 21.79 16.82
N ARG A 122 14.40 22.57 17.45
CA ARG A 122 14.62 24.01 17.54
C ARG A 122 14.20 24.53 18.91
N PRO A 123 14.73 23.93 19.99
CA PRO A 123 14.39 24.36 21.34
C PRO A 123 14.83 25.80 21.57
N GLU A 124 13.99 26.59 22.23
CA GLU A 124 14.31 27.98 22.52
C GLU A 124 14.62 28.07 24.01
N PHE A 125 15.66 28.81 24.38
CA PHE A 125 16.01 28.90 25.81
C PHE A 125 15.88 30.29 26.42
N THR A 126 15.38 30.35 27.65
CA THR A 126 15.30 31.60 28.37
C THR A 126 16.05 31.45 29.69
N VAL A 127 17.17 32.16 29.80
CA VAL A 127 17.99 32.13 31.01
C VAL A 127 17.63 33.30 31.91
N GLU A 128 17.14 32.97 33.11
CA GLU A 128 16.76 33.99 34.07
C GLU A 128 17.98 34.60 34.78
N PRO A 129 17.76 35.57 35.69
CA PRO A 129 18.86 36.23 36.41
C PRO A 129 19.81 35.31 37.18
N ASP A 130 19.25 34.38 37.95
CA ASP A 130 20.07 33.45 38.73
C ASP A 130 20.63 32.25 37.97
N GLY A 131 20.59 32.30 36.65
CA GLY A 131 21.10 31.20 35.86
C GLY A 131 20.07 30.16 35.46
N LEU A 132 18.95 30.08 36.19
CA LEU A 132 17.91 29.11 35.87
C LEU A 132 17.59 29.13 34.38
N ILE A 133 17.39 27.94 33.82
CA ILE A 133 17.09 27.80 32.40
C ILE A 133 15.69 27.21 32.20
N THR A 134 14.95 27.78 31.27
CA THR A 134 13.60 27.31 30.93
C THR A 134 13.63 26.90 29.47
N VAL A 135 13.00 25.77 29.16
CA VAL A 135 12.96 25.26 27.80
C VAL A 135 11.57 25.32 27.20
N LYS A 136 11.51 25.51 25.90
CA LYS A 136 10.24 25.60 25.17
C LYS A 136 10.44 24.89 23.84
N GLY B 4 45.64 7.19 69.40
CA GLY B 4 44.90 6.19 70.21
C GLY B 4 44.89 6.49 71.71
N ILE B 5 43.91 5.90 72.41
CA ILE B 5 43.73 6.06 73.84
C ILE B 5 43.78 4.69 74.52
N VAL B 6 44.32 4.67 75.73
CA VAL B 6 44.36 3.44 76.53
C VAL B 6 44.06 3.90 77.94
N HIS B 7 43.11 3.24 78.58
CA HIS B 7 42.72 3.62 79.94
C HIS B 7 43.56 2.96 81.01
N SER B 8 43.25 3.25 82.26
CA SER B 8 44.00 2.65 83.35
C SER B 8 43.85 1.12 83.34
N ASP B 9 42.68 0.62 82.97
CA ASP B 9 42.45 -0.81 82.95
C ASP B 9 43.07 -1.48 81.73
N GLY B 10 43.66 -0.68 80.86
CA GLY B 10 44.29 -1.23 79.68
C GLY B 10 43.38 -1.38 78.49
N SER B 11 42.09 -1.15 78.70
CA SER B 11 41.13 -1.23 77.62
C SER B 11 41.23 0.05 76.81
N TYR B 12 40.70 0.01 75.60
CA TYR B 12 40.74 1.15 74.71
C TYR B 12 39.38 1.32 74.06
N PRO B 13 39.13 2.47 73.42
CA PRO B 13 37.83 2.68 72.77
C PRO B 13 37.67 1.82 71.52
N LYS B 14 36.47 1.25 71.38
CA LYS B 14 36.15 0.39 70.23
C LYS B 14 34.79 0.80 69.67
N ASP B 15 34.70 0.83 68.34
CA ASP B 15 33.46 1.15 67.64
C ASP B 15 32.80 2.46 68.06
N LYS B 16 33.57 3.54 68.20
CA LYS B 16 32.99 4.81 68.58
C LYS B 16 33.83 6.03 68.18
N PHE B 17 33.20 7.20 68.14
CA PHE B 17 33.90 8.44 67.80
C PHE B 17 34.68 8.93 69.02
N GLU B 18 35.82 9.55 68.78
CA GLU B 18 36.64 10.05 69.87
C GLU B 18 37.39 11.26 69.36
N LYS B 19 37.45 12.31 70.17
CA LYS B 19 38.15 13.52 69.79
C LYS B 19 39.43 13.63 70.62
N ILE B 20 40.56 13.30 69.98
CA ILE B 20 41.88 13.32 70.62
C ILE B 20 42.59 14.61 70.29
N ASN B 21 42.88 15.43 71.29
CA ASN B 21 43.57 16.69 71.06
C ASN B 21 42.88 17.54 70.00
N GLY B 22 41.57 17.70 70.13
CA GLY B 22 40.82 18.52 69.20
C GLY B 22 40.60 17.99 67.80
N THR B 23 40.86 16.71 67.57
CA THR B 23 40.65 16.12 66.26
C THR B 23 39.76 14.88 66.37
N TRP B 24 38.80 14.76 65.48
CA TRP B 24 37.93 13.59 65.54
C TRP B 24 38.54 12.40 64.79
N TYR B 25 38.22 11.21 65.28
CA TYR B 25 38.68 9.96 64.69
C TYR B 25 37.61 8.97 65.05
N TYR B 26 37.69 7.80 64.45
CA TYR B 26 36.75 6.74 64.75
C TYR B 26 37.56 5.47 64.94
N PHE B 27 37.25 4.72 66.00
CA PHE B 27 37.97 3.46 66.21
C PHE B 27 36.97 2.32 65.96
N ASP B 28 37.38 1.32 65.19
CA ASP B 28 36.50 0.21 64.90
C ASP B 28 36.29 -0.68 66.10
N SER B 29 35.54 -1.75 65.92
CA SER B 29 35.24 -2.68 67.01
C SER B 29 36.47 -3.49 67.40
N SER B 30 37.62 -3.11 66.84
CA SER B 30 38.87 -3.79 67.14
C SER B 30 39.85 -2.83 67.79
N GLY B 31 39.41 -1.58 67.97
CA GLY B 31 40.27 -0.60 68.59
C GLY B 31 41.16 0.20 67.64
N TYR B 32 41.11 -0.08 66.35
CA TYR B 32 41.93 0.68 65.41
C TYR B 32 41.12 1.79 64.74
N MET B 33 41.76 2.92 64.46
CA MET B 33 41.05 4.03 63.83
C MET B 33 40.92 3.85 62.32
N LEU B 34 39.75 4.19 61.81
CA LEU B 34 39.49 4.09 60.38
C LEU B 34 40.40 5.08 59.68
N ALA B 35 40.95 4.67 58.54
CA ALA B 35 41.83 5.54 57.76
C ALA B 35 41.52 5.26 56.29
N ASP B 36 41.25 6.32 55.53
CA ASP B 36 40.90 6.16 54.14
C ASP B 36 39.65 5.30 54.03
N ARG B 37 38.68 5.55 54.90
CA ARG B 37 37.45 4.77 54.89
C ARG B 37 36.17 5.50 55.25
N TRP B 38 35.09 5.13 54.56
CA TRP B 38 33.77 5.72 54.81
C TRP B 38 33.10 4.93 55.93
N ARG B 39 31.99 5.46 56.40
CA ARG B 39 31.22 4.79 57.42
C ARG B 39 29.95 5.60 57.63
N LYS B 40 28.82 4.93 57.43
CA LYS B 40 27.52 5.56 57.62
C LYS B 40 27.18 5.34 59.08
N HIS B 41 27.53 6.30 59.91
CA HIS B 41 27.32 6.22 61.35
C HIS B 41 25.89 5.90 61.79
N THR B 42 25.77 5.44 63.02
CA THR B 42 24.47 5.11 63.61
C THR B 42 23.50 6.27 63.42
N ASP B 43 24.03 7.49 63.35
CA ASP B 43 23.20 8.68 63.17
C ASP B 43 22.71 8.81 61.73
N GLY B 44 23.07 7.83 60.91
CA GLY B 44 22.64 7.83 59.52
C GLY B 44 23.39 8.76 58.58
N ASN B 45 24.38 9.47 59.09
CA ASN B 45 25.15 10.37 58.25
C ASN B 45 26.40 9.66 57.78
N TRP B 46 26.89 10.02 56.61
CA TRP B 46 28.10 9.39 56.10
C TRP B 46 29.33 10.17 56.54
N TYR B 47 30.38 9.44 56.91
CA TYR B 47 31.61 10.08 57.30
C TYR B 47 32.75 9.48 56.52
N TRP B 48 33.88 10.18 56.48
CA TRP B 48 35.05 9.64 55.80
C TRP B 48 36.28 10.03 56.58
N PHE B 49 37.27 9.16 56.58
CA PHE B 49 38.49 9.44 57.34
C PHE B 49 39.67 9.28 56.41
N ASP B 50 40.61 10.23 56.47
CA ASP B 50 41.77 10.19 55.57
C ASP B 50 42.92 9.32 56.10
N ASN B 51 44.08 9.40 55.44
CA ASN B 51 45.26 8.61 55.83
C ASN B 51 45.57 8.61 57.31
N SER B 52 45.49 9.79 57.92
CA SER B 52 45.77 9.92 59.33
C SER B 52 44.55 9.59 60.18
N GLY B 53 43.51 9.05 59.54
CA GLY B 53 42.30 8.69 60.26
C GLY B 53 41.44 9.86 60.71
N GLU B 54 41.85 11.06 60.33
CA GLU B 54 41.09 12.25 60.71
C GLU B 54 39.77 12.40 59.97
N MET B 55 38.71 12.74 60.71
CA MET B 55 37.38 12.91 60.13
C MET B 55 37.33 14.09 59.17
N ALA B 56 36.88 13.82 57.95
CA ALA B 56 36.79 14.87 56.92
C ALA B 56 35.84 16.03 57.20
N THR B 57 36.26 17.22 56.78
CA THR B 57 35.54 18.48 56.94
C THR B 57 35.70 19.31 55.66
N GLY B 58 34.60 19.78 55.09
CA GLY B 58 34.69 20.57 53.88
C GLY B 58 34.86 19.67 52.65
N TRP B 59 35.52 20.18 51.61
CA TRP B 59 35.70 19.41 50.40
C TRP B 59 36.82 18.39 50.44
N LYS B 60 36.55 17.21 49.90
CA LYS B 60 37.53 16.15 49.87
C LYS B 60 37.45 15.36 48.56
N LYS B 61 38.59 15.20 47.91
CA LYS B 61 38.66 14.44 46.67
C LYS B 61 38.85 12.99 47.12
N ILE B 62 37.81 12.17 46.97
CA ILE B 62 37.89 10.76 47.35
C ILE B 62 37.64 9.83 46.18
N ALA B 63 38.69 9.14 45.74
CA ALA B 63 38.58 8.24 44.61
C ALA B 63 38.10 9.05 43.41
N ASP B 64 38.90 10.06 43.08
CA ASP B 64 38.64 10.92 41.92
C ASP B 64 37.26 11.58 41.82
N LYS B 65 36.63 11.85 42.96
CA LYS B 65 35.31 12.49 43.00
C LYS B 65 35.32 13.44 44.18
N TRP B 66 34.44 14.43 44.18
CA TRP B 66 34.41 15.38 45.28
C TRP B 66 33.18 15.34 46.16
N TYR B 67 33.41 15.36 47.46
CA TYR B 67 32.30 15.36 48.41
C TYR B 67 32.45 16.55 49.32
N TYR B 68 31.36 16.94 49.97
CA TYR B 68 31.37 18.09 50.88
C TYR B 68 30.92 17.65 52.28
N PHE B 69 31.62 18.11 53.30
CA PHE B 69 31.26 17.72 54.67
C PHE B 69 31.00 18.93 55.57
N ASN B 70 29.92 18.90 56.33
CA ASN B 70 29.62 20.02 57.21
C ASN B 70 30.70 20.09 58.29
N GLU B 71 30.70 21.16 59.06
CA GLU B 71 31.71 21.36 60.11
C GLU B 71 31.76 20.30 61.19
N GLU B 72 30.73 19.47 61.30
CA GLU B 72 30.75 18.42 62.31
C GLU B 72 30.90 17.01 61.73
N GLY B 73 31.30 16.94 60.45
CA GLY B 73 31.54 15.65 59.82
C GLY B 73 30.58 14.97 58.84
N ALA B 74 29.30 15.34 58.86
CA ALA B 74 28.35 14.70 57.95
C ALA B 74 28.39 15.20 56.51
N MET B 75 28.31 14.25 55.58
CA MET B 75 28.34 14.49 54.15
C MET B 75 27.02 15.15 53.74
N LYS B 76 27.10 16.19 52.93
CA LYS B 76 25.89 16.85 52.50
C LYS B 76 25.59 16.60 51.03
N THR B 77 24.35 16.90 50.63
CA THR B 77 23.95 16.73 49.24
C THR B 77 23.18 17.98 48.83
N GLY B 78 22.85 18.09 47.56
CA GLY B 78 22.12 19.27 47.14
C GLY B 78 23.09 20.40 46.88
N TRP B 79 22.57 21.61 46.78
CA TRP B 79 23.42 22.77 46.51
C TRP B 79 24.23 23.25 47.72
N VAL B 80 25.48 23.62 47.45
CA VAL B 80 26.39 24.13 48.47
C VAL B 80 27.24 25.16 47.76
N LYS B 81 27.42 26.30 48.39
CA LYS B 81 28.20 27.37 47.78
C LYS B 81 29.63 27.33 48.31
N TYR B 82 30.61 27.62 47.46
CA TYR B 82 32.01 27.64 47.87
C TYR B 82 32.73 28.70 47.04
N LYS B 83 33.14 29.78 47.72
CA LYS B 83 33.76 30.93 47.06
C LYS B 83 32.59 31.52 46.28
N ASP B 84 31.52 31.78 47.02
CA ASP B 84 30.26 32.30 46.51
C ASP B 84 29.83 31.80 45.11
N THR B 85 30.17 30.56 44.78
CA THR B 85 29.72 29.96 43.52
C THR B 85 29.14 28.60 43.88
N TRP B 86 28.03 28.24 43.25
CA TRP B 86 27.33 27.00 43.53
C TRP B 86 27.81 25.68 42.91
N TYR B 87 27.52 24.60 43.63
CA TYR B 87 27.85 23.24 43.21
C TYR B 87 26.70 22.33 43.57
N TYR B 88 26.52 21.27 42.80
CA TYR B 88 25.45 20.32 43.08
C TYR B 88 26.01 18.95 43.45
N LEU B 89 25.62 18.46 44.61
CA LEU B 89 26.08 17.16 45.08
C LEU B 89 24.98 16.15 44.91
N ASP B 90 25.29 15.05 44.22
CA ASP B 90 24.31 14.00 43.96
C ASP B 90 23.60 13.60 45.24
N ALA B 91 22.31 13.92 45.32
CA ALA B 91 21.51 13.62 46.49
C ALA B 91 21.54 12.14 46.88
N LYS B 92 21.95 11.29 45.96
CA LYS B 92 22.00 9.87 46.22
C LYS B 92 23.38 9.41 46.67
N GLU B 93 24.34 9.46 45.75
CA GLU B 93 25.70 9.04 46.01
C GLU B 93 26.50 10.08 46.78
N GLY B 94 26.22 11.36 46.53
CA GLY B 94 26.89 12.44 47.23
C GLY B 94 28.04 13.19 46.55
N ALA B 95 28.47 12.74 45.39
CA ALA B 95 29.58 13.40 44.69
C ALA B 95 29.11 14.56 43.84
N MET B 96 29.98 15.56 43.70
CA MET B 96 29.66 16.75 42.92
C MET B 96 29.35 16.38 41.47
N VAL B 97 28.26 16.94 40.96
CA VAL B 97 27.85 16.69 39.59
C VAL B 97 28.59 17.68 38.69
N SER B 98 28.70 17.37 37.40
CA SER B 98 29.35 18.28 36.46
C SER B 98 28.81 18.00 35.09
N ASN B 99 28.59 19.07 34.32
CA ASN B 99 28.02 18.95 32.98
C ASN B 99 26.72 18.17 33.04
N ALA B 100 25.77 18.71 33.78
CA ALA B 100 24.49 18.02 33.94
C ALA B 100 23.39 19.04 34.15
N PHE B 101 22.17 18.67 33.74
CA PHE B 101 21.04 19.56 33.92
C PHE B 101 20.24 19.14 35.15
N ILE B 102 20.36 19.91 36.22
CA ILE B 102 19.64 19.62 37.45
C ILE B 102 18.40 20.52 37.46
N GLN B 103 17.23 19.90 37.56
CA GLN B 103 15.97 20.62 37.53
C GLN B 103 15.68 21.44 38.77
N SER B 104 15.11 22.62 38.56
CA SER B 104 14.80 23.54 39.64
C SER B 104 13.85 22.89 40.63
N ALA B 105 13.68 23.53 41.79
CA ALA B 105 12.80 22.99 42.81
C ALA B 105 11.33 23.30 42.51
N ASP B 106 11.08 24.37 41.76
CA ASP B 106 9.71 24.73 41.43
C ASP B 106 9.33 24.12 40.08
N GLY B 107 9.98 23.01 39.75
CA GLY B 107 9.70 22.31 38.50
C GLY B 107 9.66 23.13 37.23
N THR B 108 9.76 24.45 37.35
CA THR B 108 9.71 25.33 36.19
C THR B 108 10.79 25.02 35.16
N GLY B 109 12.04 24.94 35.60
CA GLY B 109 13.14 24.69 34.70
C GLY B 109 14.36 23.95 35.23
N TRP B 110 15.51 24.27 34.68
CA TRP B 110 16.74 23.61 35.06
C TRP B 110 17.91 24.53 35.32
N TYR B 111 18.88 24.02 36.06
CA TYR B 111 20.08 24.75 36.39
C TYR B 111 21.14 23.91 35.76
N TYR B 112 22.12 24.54 35.13
CA TYR B 112 23.19 23.80 34.47
C TYR B 112 24.50 23.96 35.22
N LEU B 113 25.24 22.86 35.30
CA LEU B 113 26.53 22.84 35.97
C LEU B 113 27.55 22.48 34.92
N LYS B 114 28.54 23.36 34.77
CA LYS B 114 29.58 23.18 33.78
C LYS B 114 30.49 21.98 34.06
N PRO B 115 31.26 21.54 33.06
CA PRO B 115 32.14 20.40 33.26
C PRO B 115 33.04 20.46 34.49
N ASP B 116 33.25 21.65 35.05
CA ASP B 116 34.09 21.78 36.23
C ASP B 116 33.27 21.79 37.50
N GLY B 117 31.96 21.58 37.35
CA GLY B 117 31.10 21.53 38.52
C GLY B 117 30.44 22.84 38.93
N THR B 118 30.96 23.96 38.47
CA THR B 118 30.39 25.24 38.83
C THR B 118 29.12 25.55 38.08
N LEU B 119 28.09 26.00 38.81
CA LEU B 119 26.83 26.36 38.17
C LEU B 119 27.07 27.42 37.10
N ALA B 120 26.39 27.31 35.98
CA ALA B 120 26.54 28.29 34.93
C ALA B 120 25.33 29.23 35.01
N ASP B 121 25.58 30.51 35.32
CA ASP B 121 24.49 31.47 35.40
C ASP B 121 24.50 32.46 34.25
N ARG B 122 25.15 32.05 33.17
CA ARG B 122 25.24 32.84 31.95
C ARG B 122 25.43 31.81 30.82
N PRO B 123 24.67 30.70 30.85
CA PRO B 123 24.79 29.65 29.83
C PRO B 123 24.38 30.06 28.41
N GLU B 124 25.30 29.88 27.47
CA GLU B 124 25.06 30.21 26.06
C GLU B 124 24.75 28.97 25.25
N PHE B 125 23.54 28.89 24.70
CA PHE B 125 23.15 27.72 23.92
C PHE B 125 23.36 27.85 22.42
N THR B 126 23.64 26.72 21.79
CA THR B 126 23.85 26.67 20.35
C THR B 126 23.20 25.39 19.86
N VAL B 127 22.13 25.52 19.08
CA VAL B 127 21.42 24.36 18.57
C VAL B 127 21.82 24.13 17.09
N GLU B 128 21.74 22.88 16.64
CA GLU B 128 22.07 22.58 15.26
C GLU B 128 20.80 22.13 14.53
N PRO B 129 20.88 21.95 13.20
CA PRO B 129 19.71 21.52 12.45
C PRO B 129 18.90 20.36 13.05
N ASP B 130 19.56 19.27 13.44
CA ASP B 130 18.82 18.14 14.02
C ASP B 130 18.41 18.36 15.46
N GLY B 131 18.72 19.54 16.00
CA GLY B 131 18.36 19.86 17.37
C GLY B 131 19.39 19.61 18.46
N LEU B 132 20.63 19.29 18.08
CA LEU B 132 21.68 19.03 19.06
C LEU B 132 22.09 20.28 19.83
N ILE B 133 21.79 20.30 21.13
CA ILE B 133 22.16 21.41 21.99
C ILE B 133 23.62 21.23 22.37
N THR B 134 24.34 22.34 22.42
CA THR B 134 25.75 22.34 22.78
C THR B 134 25.95 23.54 23.71
N VAL B 135 26.27 23.27 24.97
CA VAL B 135 26.42 24.35 25.95
C VAL B 135 27.84 24.85 26.20
N LYS B 136 27.94 26.18 26.26
CA LYS B 136 29.20 26.88 26.46
C LYS B 136 29.09 27.87 27.60
N GLY C 10 35.71 8.74 -3.00
CA GLY C 10 36.39 9.56 -1.96
C GLY C 10 35.66 10.87 -1.70
N SER C 11 35.99 11.89 -2.48
CA SER C 11 35.38 13.22 -2.33
C SER C 11 34.18 13.44 -3.24
N TYR C 12 33.92 12.48 -4.12
CA TYR C 12 32.81 12.58 -5.05
C TYR C 12 31.92 11.36 -4.97
N PRO C 13 31.13 11.23 -3.90
CA PRO C 13 30.25 10.08 -3.73
C PRO C 13 29.39 9.82 -4.95
N LYS C 14 29.57 8.65 -5.57
CA LYS C 14 28.79 8.33 -6.76
C LYS C 14 28.36 6.87 -6.77
N ASP C 15 27.14 6.61 -7.24
CA ASP C 15 26.61 5.24 -7.32
C ASP C 15 26.70 4.49 -5.99
N LYS C 16 26.06 5.00 -4.94
CA LYS C 16 26.13 4.32 -3.65
C LYS C 16 25.28 4.98 -2.58
N PHE C 17 24.97 4.24 -1.53
CA PHE C 17 24.19 4.79 -0.41
C PHE C 17 25.21 5.53 0.44
N GLU C 18 24.74 6.45 1.27
CA GLU C 18 25.64 7.22 2.10
C GLU C 18 24.80 7.83 3.21
N LYS C 19 25.21 7.62 4.45
CA LYS C 19 24.48 8.18 5.56
C LYS C 19 25.09 9.55 5.85
N ILE C 20 24.28 10.58 5.61
CA ILE C 20 24.63 11.97 5.81
C ILE C 20 23.66 12.52 6.84
N ASN C 21 24.16 13.03 7.95
CA ASN C 21 23.31 13.58 9.01
C ASN C 21 22.34 12.55 9.57
N GLY C 22 22.82 11.32 9.75
CA GLY C 22 21.99 10.25 10.26
C GLY C 22 20.81 9.89 9.36
N THR C 23 20.94 10.21 8.08
CA THR C 23 19.90 9.96 7.09
C THR C 23 20.51 9.22 5.90
N TRP C 24 19.71 8.43 5.19
CA TRP C 24 20.23 7.71 4.04
C TRP C 24 19.88 8.27 2.67
N TYR C 25 20.88 8.34 1.81
CA TYR C 25 20.64 8.86 0.49
C TYR C 25 21.24 7.92 -0.50
N TYR C 26 20.95 8.16 -1.76
CA TYR C 26 21.56 7.36 -2.80
C TYR C 26 22.05 8.36 -3.87
N PHE C 27 23.30 8.23 -4.26
CA PHE C 27 23.85 9.14 -5.23
C PHE C 27 24.06 8.48 -6.57
N ASP C 28 23.57 9.12 -7.64
CA ASP C 28 23.73 8.52 -8.96
C ASP C 28 25.17 8.65 -9.44
N SER C 29 25.42 8.16 -10.65
CA SER C 29 26.76 8.19 -11.21
C SER C 29 27.34 9.59 -11.37
N SER C 30 26.48 10.60 -11.34
CA SER C 30 26.93 11.97 -11.53
C SER C 30 27.19 12.68 -10.22
N GLY C 31 26.84 12.06 -9.11
CA GLY C 31 27.08 12.67 -7.83
C GLY C 31 25.87 13.32 -7.20
N TYR C 32 24.70 13.18 -7.81
CA TYR C 32 23.52 13.79 -7.23
C TYR C 32 22.65 12.77 -6.52
N MET C 33 21.94 13.21 -5.49
CA MET C 33 21.09 12.32 -4.71
C MET C 33 19.74 12.09 -5.33
N LEU C 34 19.36 10.83 -5.49
CA LEU C 34 18.06 10.50 -6.04
C LEU C 34 16.94 11.20 -5.25
N ALA C 35 15.97 11.73 -5.95
CA ALA C 35 14.84 12.38 -5.29
C ALA C 35 13.55 11.99 -6.02
N ASP C 36 12.49 11.78 -5.25
CA ASP C 36 11.17 11.40 -5.79
C ASP C 36 11.20 10.33 -6.86
N ARG C 37 11.73 9.16 -6.51
CA ARG C 37 11.78 8.06 -7.44
C ARG C 37 12.33 6.75 -6.88
N TRP C 38 12.12 5.66 -7.61
CA TRP C 38 12.58 4.36 -7.16
C TRP C 38 13.96 4.03 -7.69
N ARG C 39 14.57 3.01 -7.11
CA ARG C 39 15.88 2.55 -7.54
C ARG C 39 16.02 1.08 -7.17
N LYS C 40 16.09 0.21 -8.18
CA LYS C 40 16.24 -1.20 -7.90
C LYS C 40 17.68 -1.42 -7.52
N HIS C 41 17.94 -1.47 -6.22
CA HIS C 41 19.32 -1.66 -5.82
C HIS C 41 19.82 -3.03 -6.27
N THR C 42 21.14 -3.16 -6.27
CA THR C 42 21.81 -4.38 -6.67
C THR C 42 21.61 -5.51 -5.64
N ASP C 43 21.03 -5.19 -4.48
CA ASP C 43 20.78 -6.20 -3.46
C ASP C 43 19.44 -6.88 -3.77
N GLY C 44 18.87 -6.54 -4.92
CA GLY C 44 17.61 -7.12 -5.34
C GLY C 44 16.39 -6.35 -4.89
N ASN C 45 16.51 -5.66 -3.76
CA ASN C 45 15.42 -4.89 -3.17
C ASN C 45 15.13 -3.57 -3.89
N TRP C 46 13.92 -3.06 -3.65
CA TRP C 46 13.48 -1.79 -4.22
C TRP C 46 13.56 -0.74 -3.11
N TYR C 47 14.11 0.41 -3.44
CA TYR C 47 14.22 1.51 -2.49
C TYR C 47 13.54 2.71 -3.10
N TRP C 48 12.97 3.56 -2.26
CA TRP C 48 12.35 4.77 -2.75
C TRP C 48 12.92 5.93 -1.96
N PHE C 49 13.00 7.10 -2.62
CA PHE C 49 13.55 8.30 -2.00
C PHE C 49 12.58 9.46 -2.15
N ASP C 50 12.19 10.03 -1.02
CA ASP C 50 11.22 11.11 -1.02
C ASP C 50 11.69 12.36 -1.77
N ASN C 51 10.98 13.47 -1.52
CA ASN C 51 11.26 14.74 -2.18
C ASN C 51 12.66 15.22 -1.91
N SER C 52 13.12 15.03 -0.67
CA SER C 52 14.45 15.49 -0.27
C SER C 52 15.49 14.40 -0.30
N GLY C 53 15.21 13.30 -0.98
CA GLY C 53 16.18 12.23 -1.04
C GLY C 53 16.31 11.32 0.16
N GLU C 54 15.57 11.51 1.24
CA GLU C 54 15.71 10.58 2.37
C GLU C 54 15.16 9.21 1.97
N MET C 55 15.89 8.15 2.29
CA MET C 55 15.45 6.80 1.95
C MET C 55 14.11 6.51 2.61
N ALA C 56 13.20 5.84 1.91
CA ALA C 56 11.91 5.52 2.50
C ALA C 56 12.06 4.37 3.49
N THR C 57 11.29 4.45 4.58
CA THR C 57 11.29 3.47 5.64
C THR C 57 9.85 3.54 6.14
N GLY C 58 9.25 2.39 6.43
CA GLY C 58 7.88 2.40 6.90
C GLY C 58 6.91 2.51 5.74
N TRP C 59 5.69 2.98 6.02
CA TRP C 59 4.71 3.13 4.95
C TRP C 59 4.98 4.40 4.15
N LYS C 60 4.56 4.40 2.88
CA LYS C 60 4.73 5.55 2.02
C LYS C 60 3.69 5.53 0.93
N LYS C 61 2.84 6.54 0.89
CA LYS C 61 1.85 6.61 -0.17
C LYS C 61 2.61 7.25 -1.33
N ILE C 62 3.08 6.45 -2.25
CA ILE C 62 3.85 6.96 -3.38
C ILE C 62 2.97 6.96 -4.61
N ALA C 63 2.61 8.15 -5.05
CA ALA C 63 1.77 8.34 -6.24
C ALA C 63 0.47 7.56 -6.18
N ASP C 64 -0.40 7.86 -5.22
CA ASP C 64 -1.70 7.17 -5.10
C ASP C 64 -1.74 5.74 -4.56
N LYS C 65 -0.57 5.10 -4.39
CA LYS C 65 -0.53 3.74 -3.85
C LYS C 65 0.30 3.65 -2.58
N TRP C 66 -0.08 2.77 -1.66
CA TRP C 66 0.67 2.63 -0.41
C TRP C 66 1.71 1.51 -0.48
N TYR C 67 2.90 1.75 0.04
CA TYR C 67 3.93 0.72 0.05
C TYR C 67 4.52 0.65 1.46
N TYR C 68 5.22 -0.44 1.75
CA TYR C 68 5.82 -0.59 3.06
C TYR C 68 7.32 -0.85 2.90
N PHE C 69 8.14 -0.22 3.72
CA PHE C 69 9.58 -0.43 3.61
C PHE C 69 10.09 -0.87 4.98
N ASN C 70 11.08 -1.76 5.04
CA ASN C 70 11.57 -2.16 6.35
C ASN C 70 12.60 -1.17 6.91
N GLU C 71 13.01 -1.34 8.16
CA GLU C 71 13.96 -0.42 8.79
C GLU C 71 15.19 -0.13 7.92
N GLU C 72 15.54 -1.06 7.04
CA GLU C 72 16.71 -0.90 6.15
C GLU C 72 16.40 -0.21 4.85
N GLY C 73 15.15 0.23 4.68
CA GLY C 73 14.77 0.92 3.47
C GLY C 73 14.31 0.01 2.34
N ALA C 74 14.42 -1.31 2.54
CA ALA C 74 13.99 -2.27 1.53
C ALA C 74 12.45 -2.34 1.44
N MET C 75 11.92 -2.37 0.23
CA MET C 75 10.47 -2.45 0.03
C MET C 75 10.05 -3.88 0.28
N LYS C 76 9.05 -4.06 1.14
CA LYS C 76 8.54 -5.38 1.48
C LYS C 76 7.27 -5.72 0.72
N THR C 77 6.96 -7.02 0.69
CA THR C 77 5.74 -7.51 0.06
C THR C 77 5.18 -8.55 1.02
N GLY C 78 4.02 -9.12 0.72
CA GLY C 78 3.46 -10.12 1.62
C GLY C 78 2.69 -9.47 2.74
N TRP C 79 2.36 -10.23 3.78
CA TRP C 79 1.59 -9.68 4.89
C TRP C 79 2.40 -8.84 5.87
N VAL C 80 1.90 -7.65 6.16
CA VAL C 80 2.54 -6.76 7.11
C VAL C 80 1.43 -6.35 8.08
N LYS C 81 1.75 -6.32 9.36
CA LYS C 81 0.77 -5.98 10.39
C LYS C 81 0.84 -4.51 10.76
N TYR C 82 -0.31 -3.90 10.98
CA TYR C 82 -0.34 -2.48 11.32
C TYR C 82 -1.40 -2.18 12.37
N LYS C 83 -0.97 -1.64 13.50
CA LYS C 83 -1.86 -1.30 14.61
C LYS C 83 -2.92 -2.37 14.81
N ASP C 84 -2.46 -3.60 15.10
CA ASP C 84 -3.32 -4.75 15.36
C ASP C 84 -4.21 -5.24 14.22
N THR C 85 -3.93 -4.80 13.00
CA THR C 85 -4.71 -5.25 11.83
C THR C 85 -3.71 -5.63 10.73
N TRP C 86 -4.17 -6.36 9.72
CA TRP C 86 -3.27 -6.80 8.65
C TRP C 86 -3.51 -6.18 7.28
N TYR C 87 -2.45 -6.15 6.49
CA TYR C 87 -2.49 -5.62 5.13
C TYR C 87 -1.66 -6.58 4.29
N TYR C 88 -1.90 -6.58 2.99
CA TYR C 88 -1.13 -7.45 2.10
C TYR C 88 -0.50 -6.62 0.96
N LEU C 89 0.81 -6.75 0.80
CA LEU C 89 1.50 -5.98 -0.24
C LEU C 89 1.80 -6.90 -1.42
N ASP C 90 1.30 -6.52 -2.60
CA ASP C 90 1.47 -7.28 -3.82
C ASP C 90 2.86 -7.85 -4.01
N ALA C 91 2.96 -9.15 -4.21
CA ALA C 91 4.26 -9.79 -4.39
C ALA C 91 5.00 -9.22 -5.60
N LYS C 92 4.30 -9.03 -6.71
CA LYS C 92 4.94 -8.48 -7.91
C LYS C 92 5.34 -7.02 -7.71
N GLU C 93 4.40 -6.10 -7.94
CA GLU C 93 4.68 -4.67 -7.84
C GLU C 93 4.67 -4.00 -6.46
N GLY C 94 4.70 -4.78 -5.39
CA GLY C 94 4.74 -4.23 -4.04
C GLY C 94 3.63 -3.35 -3.48
N ALA C 95 2.68 -2.92 -4.30
CA ALA C 95 1.60 -2.06 -3.81
C ALA C 95 0.59 -2.76 -2.92
N MET C 96 0.06 -2.03 -1.94
CA MET C 96 -0.94 -2.57 -1.03
C MET C 96 -2.18 -3.05 -1.81
N VAL C 97 -2.57 -4.30 -1.57
CA VAL C 97 -3.72 -4.90 -2.24
C VAL C 97 -4.99 -4.33 -1.65
N SER C 98 -6.06 -4.31 -2.43
CA SER C 98 -7.32 -3.75 -1.97
C SER C 98 -8.48 -4.38 -2.72
N ASN C 99 -9.48 -4.82 -1.97
CA ASN C 99 -10.66 -5.48 -2.52
C ASN C 99 -10.28 -6.73 -3.30
N ALA C 100 -9.67 -7.69 -2.62
CA ALA C 100 -9.28 -8.92 -3.31
C ALA C 100 -9.16 -10.10 -2.36
N PHE C 101 -9.08 -11.31 -2.92
CA PHE C 101 -8.93 -12.50 -2.10
C PHE C 101 -7.49 -12.98 -2.28
N ILE C 102 -6.73 -13.02 -1.19
CA ILE C 102 -5.36 -13.49 -1.24
C ILE C 102 -5.31 -14.90 -0.70
N GLN C 103 -4.77 -15.83 -1.47
CA GLN C 103 -4.70 -17.21 -1.01
C GLN C 103 -3.82 -17.31 0.20
N SER C 104 -4.19 -18.22 1.09
CA SER C 104 -3.45 -18.42 2.34
C SER C 104 -2.16 -19.22 2.17
N ALA C 105 -1.21 -18.95 3.04
CA ALA C 105 0.07 -19.61 3.01
C ALA C 105 0.02 -21.06 2.55
N ASP C 106 -0.69 -21.92 3.27
CA ASP C 106 -0.78 -23.35 2.91
C ASP C 106 -1.66 -23.61 1.67
N GLY C 107 -2.14 -22.54 1.06
CA GLY C 107 -2.96 -22.69 -0.14
C GLY C 107 -4.17 -23.57 0.08
N THR C 108 -4.82 -23.35 1.22
CA THR C 108 -5.97 -24.11 1.65
C THR C 108 -7.22 -23.23 1.75
N GLY C 109 -7.01 -21.92 1.88
CA GLY C 109 -8.15 -21.03 1.98
C GLY C 109 -7.82 -19.65 1.48
N TRP C 110 -8.68 -18.68 1.79
CA TRP C 110 -8.46 -17.32 1.33
C TRP C 110 -8.69 -16.27 2.42
N TYR C 111 -8.14 -15.08 2.19
CA TYR C 111 -8.32 -13.97 3.10
C TYR C 111 -8.81 -12.84 2.20
N TYR C 112 -9.88 -12.16 2.64
CA TYR C 112 -10.43 -11.07 1.85
C TYR C 112 -9.86 -9.76 2.35
N LEU C 113 -9.50 -8.88 1.42
CA LEU C 113 -8.97 -7.58 1.80
C LEU C 113 -10.02 -6.53 1.47
N LYS C 114 -10.50 -5.84 2.48
CA LYS C 114 -11.52 -4.82 2.28
C LYS C 114 -11.10 -3.75 1.27
N PRO C 115 -12.02 -2.84 0.91
CA PRO C 115 -11.69 -1.77 -0.03
C PRO C 115 -10.62 -0.81 0.50
N ASP C 116 -10.52 -0.66 1.82
CA ASP C 116 -9.52 0.22 2.40
C ASP C 116 -8.20 -0.53 2.68
N GLY C 117 -8.10 -1.75 2.18
CA GLY C 117 -6.89 -2.53 2.40
C GLY C 117 -6.83 -3.35 3.68
N THR C 118 -7.70 -3.07 4.65
CA THR C 118 -7.68 -3.84 5.90
C THR C 118 -8.22 -5.24 5.68
N LEU C 119 -7.71 -6.20 6.46
CA LEU C 119 -8.13 -7.57 6.36
C LEU C 119 -9.54 -7.71 6.90
N ALA C 120 -10.40 -8.36 6.12
CA ALA C 120 -11.76 -8.62 6.54
C ALA C 120 -11.62 -9.86 7.41
N ASP C 121 -11.83 -9.74 8.71
CA ASP C 121 -11.68 -10.93 9.52
C ASP C 121 -13.01 -11.61 9.84
N ARG C 122 -14.06 -11.10 9.21
CA ARG C 122 -15.41 -11.64 9.34
C ARG C 122 -16.12 -11.31 8.05
N PRO C 123 -15.48 -11.61 6.90
CA PRO C 123 -16.15 -11.30 5.64
C PRO C 123 -17.50 -12.01 5.57
N GLU C 124 -18.48 -11.36 4.93
CA GLU C 124 -19.81 -11.93 4.79
C GLU C 124 -20.10 -12.11 3.32
N PHE C 125 -20.67 -13.26 2.95
CA PHE C 125 -20.92 -13.58 1.55
C PHE C 125 -22.38 -13.71 1.08
N THR C 126 -22.65 -13.18 -0.12
CA THR C 126 -23.98 -13.26 -0.74
C THR C 126 -23.75 -13.85 -2.11
N VAL C 127 -24.43 -14.95 -2.40
CA VAL C 127 -24.27 -15.59 -3.69
C VAL C 127 -25.54 -15.50 -4.51
N GLU C 128 -25.47 -14.83 -5.65
CA GLU C 128 -26.62 -14.68 -6.53
C GLU C 128 -26.74 -15.91 -7.42
N PRO C 129 -27.96 -16.21 -7.91
CA PRO C 129 -28.26 -17.36 -8.76
C PRO C 129 -27.20 -17.84 -9.75
N ASP C 130 -26.62 -16.92 -10.52
CA ASP C 130 -25.61 -17.32 -11.50
C ASP C 130 -24.20 -17.47 -10.93
N GLY C 131 -24.07 -17.47 -9.61
CA GLY C 131 -22.75 -17.63 -9.01
C GLY C 131 -22.07 -16.36 -8.55
N LEU C 132 -22.63 -15.21 -8.89
CA LEU C 132 -22.02 -13.95 -8.49
C LEU C 132 -21.88 -13.88 -6.97
N ILE C 133 -20.67 -13.57 -6.52
CA ILE C 133 -20.34 -13.46 -5.10
C ILE C 133 -20.09 -12.01 -4.76
N THR C 134 -20.62 -11.52 -3.64
CA THR C 134 -20.34 -10.14 -3.22
C THR C 134 -19.84 -10.21 -1.78
N VAL C 135 -18.85 -9.42 -1.43
CA VAL C 135 -18.28 -9.45 -0.09
C VAL C 135 -18.54 -8.21 0.76
N LYS C 136 -18.20 -8.30 2.03
CA LYS C 136 -18.35 -7.20 2.98
C LYS C 136 -17.43 -7.49 4.14
N TYR D 12 9.02 -25.30 -51.75
CA TYR D 12 9.11 -25.17 -50.26
C TYR D 12 8.43 -23.88 -49.80
N PRO D 13 7.26 -23.99 -49.16
CA PRO D 13 6.50 -22.83 -48.67
C PRO D 13 7.03 -22.26 -47.35
N LYS D 14 7.24 -20.94 -47.33
CA LYS D 14 7.72 -20.24 -46.13
C LYS D 14 6.61 -19.48 -45.42
N ASP D 15 6.24 -19.93 -44.23
CA ASP D 15 5.19 -19.30 -43.44
C ASP D 15 3.85 -19.29 -44.19
N LYS D 16 2.99 -20.27 -43.91
CA LYS D 16 1.69 -20.32 -44.59
C LYS D 16 0.77 -21.46 -44.12
N PHE D 17 -0.52 -21.15 -44.04
CA PHE D 17 -1.54 -22.11 -43.62
C PHE D 17 -2.02 -22.87 -44.85
N GLU D 18 -2.27 -24.17 -44.69
CA GLU D 18 -2.74 -25.00 -45.79
C GLU D 18 -3.37 -26.28 -45.26
N LYS D 19 -4.62 -26.53 -45.62
CA LYS D 19 -5.28 -27.74 -45.15
C LYS D 19 -4.87 -28.91 -46.05
N ILE D 20 -3.63 -29.35 -45.88
CA ILE D 20 -3.11 -30.45 -46.66
C ILE D 20 -3.88 -31.73 -46.35
N ASN D 21 -5.14 -31.77 -46.79
CA ASN D 21 -6.02 -32.92 -46.59
C ASN D 21 -6.37 -33.19 -45.13
N GLY D 22 -7.67 -33.07 -44.83
CA GLY D 22 -8.18 -33.33 -43.49
C GLY D 22 -7.51 -32.67 -42.31
N THR D 23 -6.36 -32.03 -42.50
CA THR D 23 -5.67 -31.38 -41.40
C THR D 23 -5.02 -30.06 -41.82
N TRP D 24 -4.64 -29.24 -40.84
CA TRP D 24 -4.00 -27.96 -41.11
C TRP D 24 -2.57 -27.92 -40.62
N TYR D 25 -1.74 -27.13 -41.30
CA TYR D 25 -0.33 -27.00 -40.93
C TYR D 25 0.18 -25.57 -41.11
N TYR D 26 1.37 -25.32 -40.57
CA TYR D 26 2.04 -24.02 -40.67
C TYR D 26 3.54 -24.23 -40.78
N PHE D 27 4.08 -23.99 -41.98
CA PHE D 27 5.50 -24.18 -42.24
C PHE D 27 6.35 -22.95 -41.89
N ASP D 28 7.34 -23.15 -41.03
CA ASP D 28 8.24 -22.08 -40.59
C ASP D 28 9.12 -21.54 -41.71
N SER D 29 10.21 -20.89 -41.33
CA SER D 29 11.13 -20.32 -42.31
C SER D 29 11.98 -21.41 -42.97
N SER D 30 12.30 -22.45 -42.20
CA SER D 30 13.10 -23.57 -42.70
C SER D 30 12.34 -24.28 -43.82
N GLY D 31 11.14 -23.79 -44.12
CA GLY D 31 10.32 -24.40 -45.15
C GLY D 31 9.56 -25.52 -44.48
N TYR D 32 10.14 -26.06 -43.41
CA TYR D 32 9.54 -27.14 -42.65
C TYR D 32 8.30 -26.62 -41.93
N MET D 33 7.51 -27.54 -41.36
CA MET D 33 6.30 -27.18 -40.64
C MET D 33 6.58 -27.14 -39.14
N LEU D 34 5.87 -26.27 -38.44
CA LEU D 34 6.04 -26.14 -37.00
C LEU D 34 5.31 -27.28 -36.29
N ALA D 35 5.92 -27.76 -35.22
CA ALA D 35 5.35 -28.83 -34.42
C ALA D 35 5.76 -28.61 -32.96
N ASP D 36 4.96 -29.10 -32.04
CA ASP D 36 5.23 -28.93 -30.61
C ASP D 36 5.79 -27.53 -30.29
N ARG D 37 5.28 -26.53 -31.00
CA ARG D 37 5.72 -25.15 -30.80
C ARG D 37 4.60 -24.13 -30.97
N TRP D 38 4.64 -23.08 -30.17
CA TRP D 38 3.64 -22.02 -30.23
C TRP D 38 3.94 -21.06 -31.38
N ARG D 39 2.90 -20.46 -31.95
CA ARG D 39 3.07 -19.53 -33.06
C ARG D 39 2.35 -18.20 -32.85
N LYS D 40 3.12 -17.21 -32.42
CA LYS D 40 2.61 -15.86 -32.20
C LYS D 40 2.51 -15.25 -33.58
N HIS D 41 1.49 -15.67 -34.33
CA HIS D 41 1.33 -15.17 -35.68
C HIS D 41 0.85 -13.73 -35.74
N THR D 42 1.39 -12.99 -36.71
CA THR D 42 1.07 -11.58 -36.90
C THR D 42 -0.42 -11.28 -36.93
N ASP D 43 -1.24 -12.29 -37.22
CA ASP D 43 -2.68 -12.09 -37.26
C ASP D 43 -3.20 -11.89 -35.84
N GLY D 44 -2.29 -11.59 -34.91
CA GLY D 44 -2.67 -11.38 -33.53
C GLY D 44 -2.97 -12.65 -32.75
N ASN D 45 -3.90 -13.45 -33.25
CA ASN D 45 -4.28 -14.70 -32.58
C ASN D 45 -3.09 -15.66 -32.49
N TRP D 46 -3.01 -16.40 -31.39
CA TRP D 46 -1.92 -17.36 -31.22
C TRP D 46 -2.38 -18.75 -31.65
N TYR D 47 -1.44 -19.54 -32.17
CA TYR D 47 -1.72 -20.89 -32.62
C TYR D 47 -0.68 -21.87 -32.11
N TRP D 48 -1.09 -23.11 -31.88
CA TRP D 48 -0.18 -24.15 -31.42
C TRP D 48 -0.35 -25.31 -32.37
N PHE D 49 0.71 -26.07 -32.58
CA PHE D 49 0.64 -27.21 -33.49
C PHE D 49 1.22 -28.43 -32.80
N ASP D 50 0.42 -29.48 -32.69
CA ASP D 50 0.86 -30.70 -32.03
C ASP D 50 2.19 -31.20 -32.59
N ASN D 51 2.72 -32.25 -31.98
CA ASN D 51 4.00 -32.83 -32.41
C ASN D 51 3.98 -33.13 -33.91
N SER D 52 2.80 -33.42 -34.43
CA SER D 52 2.65 -33.75 -35.85
C SER D 52 2.45 -32.51 -36.72
N GLY D 53 2.69 -31.34 -36.14
CA GLY D 53 2.55 -30.08 -36.86
C GLY D 53 1.15 -29.68 -37.32
N GLU D 54 0.13 -30.15 -36.61
CA GLU D 54 -1.25 -29.85 -36.95
C GLU D 54 -1.84 -28.76 -36.06
N MET D 55 -2.40 -27.73 -36.68
CA MET D 55 -2.98 -26.61 -35.95
C MET D 55 -4.01 -27.09 -34.92
N ALA D 56 -3.96 -26.48 -33.75
CA ALA D 56 -4.86 -26.82 -32.65
C ALA D 56 -6.33 -26.45 -32.82
N THR D 57 -7.17 -27.12 -32.05
CA THR D 57 -8.60 -26.90 -32.09
C THR D 57 -9.20 -27.49 -30.80
N GLY D 58 -10.13 -26.77 -30.19
CA GLY D 58 -10.76 -27.26 -28.98
C GLY D 58 -9.89 -27.08 -27.76
N TRP D 59 -9.96 -28.02 -26.83
CA TRP D 59 -9.16 -27.96 -25.61
C TRP D 59 -7.92 -28.83 -25.75
N LYS D 60 -6.75 -28.22 -25.74
CA LYS D 60 -5.51 -28.98 -25.82
C LYS D 60 -4.73 -28.69 -24.55
N LYS D 61 -3.92 -29.67 -24.14
CA LYS D 61 -3.12 -29.55 -22.93
C LYS D 61 -1.67 -29.30 -23.35
N ILE D 62 -1.16 -28.12 -23.02
CA ILE D 62 0.20 -27.75 -23.39
C ILE D 62 1.00 -27.41 -22.15
N ALA D 63 2.05 -28.18 -21.89
CA ALA D 63 2.91 -27.95 -20.73
C ALA D 63 2.11 -27.89 -19.42
N ASP D 64 1.35 -28.95 -19.17
CA ASP D 64 0.52 -29.07 -17.96
C ASP D 64 -0.58 -28.03 -17.84
N LYS D 65 -0.76 -27.22 -18.87
CA LYS D 65 -1.80 -26.19 -18.85
C LYS D 65 -2.86 -26.44 -19.91
N TRP D 66 -4.04 -25.89 -19.72
CA TRP D 66 -5.12 -26.04 -20.70
C TRP D 66 -5.44 -24.71 -21.34
N TYR D 67 -5.44 -24.68 -22.66
CA TYR D 67 -5.76 -23.48 -23.41
C TYR D 67 -6.93 -23.86 -24.32
N TYR D 68 -7.73 -22.88 -24.72
CA TYR D 68 -8.90 -23.14 -25.57
C TYR D 68 -8.74 -22.56 -26.97
N PHE D 69 -8.99 -23.39 -27.97
CA PHE D 69 -8.87 -22.96 -29.36
C PHE D 69 -10.22 -23.06 -30.06
N ASN D 70 -10.50 -22.12 -30.96
CA ASN D 70 -11.76 -22.14 -31.72
C ASN D 70 -11.53 -22.91 -33.00
N GLU D 71 -12.62 -23.25 -33.70
CA GLU D 71 -12.49 -23.99 -34.96
C GLU D 71 -11.48 -23.37 -35.93
N GLU D 72 -11.15 -22.10 -35.72
CA GLU D 72 -10.19 -21.41 -36.59
C GLU D 72 -8.78 -21.53 -36.02
N GLY D 73 -8.62 -22.40 -35.03
CA GLY D 73 -7.31 -22.63 -34.42
C GLY D 73 -6.84 -21.48 -33.54
N ALA D 74 -7.64 -20.42 -33.50
CA ALA D 74 -7.32 -19.23 -32.71
C ALA D 74 -7.48 -19.51 -31.21
N MET D 75 -6.55 -18.97 -30.42
CA MET D 75 -6.62 -19.15 -28.97
C MET D 75 -7.58 -18.15 -28.36
N LYS D 76 -8.58 -18.65 -27.65
CA LYS D 76 -9.57 -17.81 -26.98
C LYS D 76 -9.02 -17.39 -25.61
N THR D 77 -9.61 -16.34 -25.04
CA THR D 77 -9.22 -15.83 -23.72
C THR D 77 -10.46 -15.27 -23.02
N GLY D 78 -10.46 -15.31 -21.70
CA GLY D 78 -11.61 -14.81 -20.96
C GLY D 78 -12.66 -15.88 -20.87
N TRP D 79 -13.90 -15.51 -20.54
CA TRP D 79 -14.95 -16.50 -20.42
C TRP D 79 -15.21 -17.21 -21.73
N VAL D 80 -15.54 -18.49 -21.62
CA VAL D 80 -15.81 -19.35 -22.77
C VAL D 80 -16.65 -20.49 -22.23
N LYS D 81 -17.83 -20.68 -22.79
CA LYS D 81 -18.68 -21.75 -22.31
C LYS D 81 -18.35 -23.03 -23.05
N TYR D 82 -18.67 -24.16 -22.43
CA TYR D 82 -18.38 -25.47 -23.00
C TYR D 82 -19.36 -26.44 -22.34
N LYS D 83 -20.32 -26.93 -23.13
CA LYS D 83 -21.32 -27.86 -22.61
C LYS D 83 -21.94 -27.28 -21.35
N ASP D 84 -22.69 -26.20 -21.54
CA ASP D 84 -23.37 -25.48 -20.47
C ASP D 84 -22.61 -25.39 -19.14
N THR D 85 -21.29 -25.24 -19.24
CA THR D 85 -20.43 -25.06 -18.06
C THR D 85 -19.41 -24.01 -18.44
N TRP D 86 -19.24 -23.00 -17.60
CA TRP D 86 -18.28 -21.94 -17.89
C TRP D 86 -16.85 -22.17 -17.38
N TYR D 87 -15.91 -21.67 -18.16
CA TYR D 87 -14.50 -21.75 -17.83
C TYR D 87 -13.97 -20.35 -18.11
N TYR D 88 -12.86 -19.99 -17.50
CA TYR D 88 -12.28 -18.67 -17.73
C TYR D 88 -10.82 -18.90 -18.10
N LEU D 89 -10.33 -18.12 -19.06
CA LEU D 89 -8.95 -18.25 -19.51
C LEU D 89 -8.24 -16.93 -19.21
N ASP D 90 -7.05 -17.00 -18.62
CA ASP D 90 -6.27 -15.81 -18.27
C ASP D 90 -6.03 -14.95 -19.52
N ALA D 91 -6.52 -13.72 -19.52
CA ALA D 91 -6.37 -12.82 -20.68
C ALA D 91 -4.96 -12.49 -21.16
N LYS D 92 -3.94 -12.65 -20.31
CA LYS D 92 -2.57 -12.33 -20.74
C LYS D 92 -1.66 -13.53 -21.00
N GLU D 93 -2.26 -14.71 -21.10
CA GLU D 93 -1.52 -15.93 -21.38
C GLU D 93 -2.47 -16.86 -22.12
N GLY D 94 -3.62 -17.15 -21.49
CA GLY D 94 -4.61 -18.01 -22.12
C GLY D 94 -4.92 -19.29 -21.39
N ALA D 95 -4.13 -19.63 -20.38
CA ALA D 95 -4.34 -20.86 -19.63
C ALA D 95 -5.62 -20.80 -18.80
N MET D 96 -6.18 -21.97 -18.54
CA MET D 96 -7.39 -22.10 -17.75
C MET D 96 -7.13 -21.81 -16.29
N VAL D 97 -7.99 -20.99 -15.70
CA VAL D 97 -7.87 -20.60 -14.30
C VAL D 97 -8.75 -21.50 -13.43
N SER D 98 -8.13 -22.23 -12.50
CA SER D 98 -8.93 -23.07 -11.60
C SER D 98 -8.63 -22.58 -10.19
N ASN D 99 -9.52 -22.89 -9.25
CA ASN D 99 -9.39 -22.46 -7.85
C ASN D 99 -8.98 -20.99 -7.73
N ALA D 100 -9.80 -20.11 -8.27
CA ALA D 100 -9.50 -18.68 -8.25
C ALA D 100 -10.75 -17.83 -8.37
N PHE D 101 -10.69 -16.63 -7.79
CA PHE D 101 -11.80 -15.69 -7.85
C PHE D 101 -11.52 -14.70 -8.97
N ILE D 102 -12.41 -14.67 -9.96
CA ILE D 102 -12.29 -13.74 -11.06
C ILE D 102 -13.30 -12.65 -10.79
N GLN D 103 -12.90 -11.41 -10.94
CA GLN D 103 -13.81 -10.30 -10.67
C GLN D 103 -14.81 -10.14 -11.78
N SER D 104 -16.05 -9.83 -11.41
CA SER D 104 -17.10 -9.65 -12.40
C SER D 104 -16.82 -8.41 -13.25
N ALA D 105 -17.35 -8.42 -14.47
CA ALA D 105 -17.15 -7.33 -15.42
C ALA D 105 -17.52 -5.96 -14.86
N ASP D 106 -18.42 -5.91 -13.88
CA ASP D 106 -18.83 -4.62 -13.32
C ASP D 106 -18.25 -4.38 -11.94
N GLY D 107 -17.19 -5.12 -11.61
CA GLY D 107 -16.54 -4.97 -10.32
C GLY D 107 -17.43 -4.98 -9.09
N THR D 108 -18.63 -5.53 -9.23
CA THR D 108 -19.58 -5.63 -8.12
C THR D 108 -19.27 -6.82 -7.23
N GLY D 109 -18.94 -7.95 -7.85
CA GLY D 109 -18.63 -9.17 -7.12
C GLY D 109 -17.58 -10.03 -7.82
N TRP D 110 -17.62 -11.33 -7.56
CA TRP D 110 -16.65 -12.23 -8.15
C TRP D 110 -17.29 -13.56 -8.55
N TYR D 111 -16.55 -14.37 -9.30
CA TYR D 111 -17.02 -15.69 -9.69
C TYR D 111 -15.95 -16.65 -9.22
N TYR D 112 -16.34 -17.75 -8.60
CA TYR D 112 -15.36 -18.73 -8.14
C TYR D 112 -15.18 -19.84 -9.14
N LEU D 113 -13.93 -20.20 -9.41
CA LEU D 113 -13.66 -21.27 -10.35
C LEU D 113 -13.08 -22.43 -9.57
N LYS D 114 -13.82 -23.52 -9.53
CA LYS D 114 -13.39 -24.71 -8.79
C LYS D 114 -12.00 -25.22 -9.21
N PRO D 115 -11.39 -26.12 -8.42
CA PRO D 115 -10.06 -26.68 -8.71
C PRO D 115 -9.99 -27.32 -10.09
N ASP D 116 -11.13 -27.82 -10.56
CA ASP D 116 -11.21 -28.46 -11.86
C ASP D 116 -11.56 -27.43 -12.93
N GLY D 117 -11.36 -26.16 -12.62
CA GLY D 117 -11.62 -25.10 -13.58
C GLY D 117 -13.03 -24.73 -13.97
N THR D 118 -14.04 -25.44 -13.47
CA THR D 118 -15.41 -25.11 -13.86
C THR D 118 -16.06 -24.09 -12.94
N LEU D 119 -16.75 -23.12 -13.53
CA LEU D 119 -17.43 -22.08 -12.76
C LEU D 119 -18.35 -22.67 -11.71
N ALA D 120 -18.28 -22.13 -10.49
CA ALA D 120 -19.15 -22.59 -9.41
C ALA D 120 -20.36 -21.66 -9.40
N ASP D 121 -21.57 -22.22 -9.54
CA ASP D 121 -22.77 -21.41 -9.54
C ASP D 121 -23.45 -21.38 -8.19
N ARG D 122 -23.00 -22.25 -7.29
CA ARG D 122 -23.55 -22.32 -5.93
C ARG D 122 -22.40 -22.51 -4.94
N PRO D 123 -21.47 -21.53 -4.88
CA PRO D 123 -20.35 -21.64 -3.95
C PRO D 123 -20.74 -21.54 -2.48
N GLU D 124 -20.13 -22.38 -1.65
CA GLU D 124 -20.42 -22.36 -0.22
C GLU D 124 -19.19 -21.92 0.57
N PHE D 125 -19.34 -20.92 1.41
CA PHE D 125 -18.23 -20.40 2.19
C PHE D 125 -18.29 -20.64 3.69
N THR D 126 -17.12 -20.85 4.27
CA THR D 126 -17.03 -21.06 5.70
C THR D 126 -15.97 -20.09 6.18
N VAL D 127 -16.28 -19.27 7.17
CA VAL D 127 -15.33 -18.29 7.68
C VAL D 127 -14.91 -18.51 9.13
N GLU D 128 -13.66 -18.87 9.35
CA GLU D 128 -13.18 -19.12 10.70
C GLU D 128 -13.00 -17.81 11.48
N PRO D 129 -12.71 -17.89 12.79
CA PRO D 129 -12.53 -16.71 13.63
C PRO D 129 -11.51 -15.63 13.23
N ASP D 130 -10.44 -16.01 12.52
CA ASP D 130 -9.43 -15.01 12.12
C ASP D 130 -9.73 -14.43 10.74
N GLY D 131 -10.71 -14.99 10.06
CA GLY D 131 -11.05 -14.50 8.75
C GLY D 131 -10.77 -15.47 7.63
N LEU D 132 -10.16 -16.62 7.91
CA LEU D 132 -9.88 -17.60 6.84
C LEU D 132 -11.16 -18.08 6.21
N ILE D 133 -11.22 -18.00 4.89
CA ILE D 133 -12.39 -18.38 4.12
C ILE D 133 -12.18 -19.68 3.38
N THR D 134 -12.95 -20.69 3.71
CA THR D 134 -12.81 -21.96 3.00
C THR D 134 -13.95 -21.93 1.97
N VAL D 135 -13.64 -22.32 0.74
CA VAL D 135 -14.62 -22.28 -0.35
C VAL D 135 -14.87 -23.63 -1.00
N LYS D 136 -16.12 -24.09 -0.90
CA LYS D 136 -16.50 -25.36 -1.51
C LYS D 136 -17.41 -25.07 -2.72
N LYS E 14 4.24 1.56 -54.95
CA LYS E 14 2.87 1.33 -55.49
C LYS E 14 1.78 1.69 -54.46
N ASP E 15 0.80 2.47 -54.93
CA ASP E 15 -0.30 2.90 -54.08
C ASP E 15 -1.54 3.23 -54.92
N LYS E 16 -2.15 2.19 -55.48
CA LYS E 16 -3.34 2.33 -56.32
C LYS E 16 -4.14 1.02 -56.34
N PHE E 17 -5.38 1.12 -56.80
CA PHE E 17 -6.29 -0.02 -56.90
C PHE E 17 -6.15 -0.66 -58.28
N GLU E 18 -5.98 -1.97 -58.34
CA GLU E 18 -5.84 -2.67 -59.62
C GLU E 18 -6.17 -4.16 -59.58
N LYS E 19 -6.74 -4.68 -60.68
CA LYS E 19 -7.13 -6.08 -60.80
C LYS E 19 -6.18 -6.90 -61.70
N ILE E 20 -6.17 -8.22 -61.50
CA ILE E 20 -5.32 -9.12 -62.26
C ILE E 20 -6.12 -10.36 -62.73
N ASN E 21 -7.29 -10.12 -63.33
CA ASN E 21 -8.19 -11.16 -63.83
C ASN E 21 -9.15 -11.68 -62.75
N GLY E 22 -10.31 -11.05 -62.67
CA GLY E 22 -11.33 -11.45 -61.71
C GLY E 22 -10.98 -11.24 -60.25
N THR E 23 -9.97 -10.41 -59.98
CA THR E 23 -9.54 -10.15 -58.60
C THR E 23 -8.82 -8.81 -58.48
N TRP E 24 -9.38 -7.90 -57.69
CA TRP E 24 -8.77 -6.58 -57.47
C TRP E 24 -7.81 -6.60 -56.29
N TYR E 25 -6.66 -5.97 -56.46
CA TYR E 25 -5.64 -5.92 -55.41
C TYR E 25 -5.14 -4.51 -55.15
N TYR E 26 -4.42 -4.33 -54.04
CA TYR E 26 -3.84 -3.04 -53.68
C TYR E 26 -2.43 -3.28 -53.15
N PHE E 27 -1.49 -2.46 -53.59
CA PHE E 27 -0.10 -2.60 -53.17
C PHE E 27 0.36 -1.41 -52.32
N ASP E 28 1.21 -1.69 -51.34
CA ASP E 28 1.74 -0.66 -50.45
C ASP E 28 2.94 0.05 -51.06
N SER E 29 3.20 1.26 -50.57
CA SER E 29 4.31 2.10 -51.04
C SER E 29 5.42 1.33 -51.76
N SER E 30 5.96 0.32 -51.10
CA SER E 30 7.02 -0.50 -51.67
C SER E 30 6.62 -1.06 -53.03
N GLY E 31 5.49 -1.76 -53.06
CA GLY E 31 4.99 -2.35 -54.30
C GLY E 31 4.24 -3.64 -54.04
N TYR E 32 4.57 -4.31 -52.94
CA TYR E 32 3.91 -5.56 -52.60
C TYR E 32 2.45 -5.34 -52.23
N MET E 33 1.58 -6.23 -52.71
CA MET E 33 0.16 -6.15 -52.43
C MET E 33 -0.14 -6.38 -50.95
N LEU E 34 -1.30 -5.90 -50.49
CA LEU E 34 -1.70 -6.04 -49.10
C LEU E 34 -2.46 -7.33 -48.84
N ALA E 35 -2.34 -7.87 -47.63
CA ALA E 35 -3.03 -9.10 -47.27
C ALA E 35 -3.42 -9.05 -45.80
N ASP E 36 -4.61 -9.58 -45.49
CA ASP E 36 -5.12 -9.58 -44.12
C ASP E 36 -4.90 -8.22 -43.47
N ARG E 37 -5.35 -7.18 -44.16
CA ARG E 37 -5.22 -5.82 -43.68
C ARG E 37 -6.31 -4.94 -44.27
N TRP E 38 -6.67 -3.89 -43.52
CA TRP E 38 -7.71 -2.97 -43.95
C TRP E 38 -7.04 -1.73 -44.55
N ARG E 39 -7.80 -0.98 -45.33
CA ARG E 39 -7.28 0.23 -45.94
C ARG E 39 -8.38 1.27 -46.03
N LYS E 40 -8.32 2.27 -45.16
CA LYS E 40 -9.31 3.34 -45.14
C LYS E 40 -8.95 4.30 -46.26
N HIS E 41 -9.23 3.89 -47.49
CA HIS E 41 -8.92 4.69 -48.67
C HIS E 41 -9.24 6.17 -48.48
N THR E 42 -8.46 7.02 -49.12
CA THR E 42 -8.64 8.47 -49.03
C THR E 42 -10.10 8.87 -49.31
N ASP E 43 -10.73 8.17 -50.24
CA ASP E 43 -12.11 8.46 -50.61
C ASP E 43 -13.09 8.27 -49.44
N GLY E 44 -12.56 7.92 -48.28
CA GLY E 44 -13.39 7.73 -47.09
C GLY E 44 -14.22 6.47 -47.03
N ASN E 45 -13.62 5.33 -47.37
CA ASN E 45 -14.33 4.05 -47.34
C ASN E 45 -13.41 2.93 -46.84
N TRP E 46 -14.01 1.92 -46.21
CA TRP E 46 -13.25 0.79 -45.67
C TRP E 46 -13.26 -0.45 -46.57
N TYR E 47 -12.07 -0.91 -46.94
CA TYR E 47 -11.91 -2.10 -47.78
C TYR E 47 -10.92 -3.05 -47.10
N TRP E 48 -11.12 -4.35 -47.27
CA TRP E 48 -10.22 -5.34 -46.70
C TRP E 48 -9.66 -6.22 -47.81
N PHE E 49 -8.63 -7.01 -47.49
CA PHE E 49 -8.02 -7.89 -48.47
C PHE E 49 -7.67 -9.22 -47.82
N ASP E 50 -8.43 -10.25 -48.17
CA ASP E 50 -8.25 -11.60 -47.62
C ASP E 50 -6.81 -12.11 -47.57
N ASN E 51 -6.65 -13.36 -47.13
CA ASN E 51 -5.36 -14.01 -47.01
C ASN E 51 -4.52 -13.87 -48.29
N SER E 52 -5.20 -13.81 -49.44
CA SER E 52 -4.54 -13.67 -50.73
C SER E 52 -4.50 -12.21 -51.15
N GLY E 53 -5.17 -11.36 -50.39
CA GLY E 53 -5.20 -9.94 -50.67
C GLY E 53 -6.20 -9.58 -51.77
N GLU E 54 -7.19 -10.46 -51.97
CA GLU E 54 -8.20 -10.25 -52.98
C GLU E 54 -9.25 -9.26 -52.51
N MET E 55 -9.79 -8.49 -53.45
CA MET E 55 -10.82 -7.52 -53.11
C MET E 55 -11.86 -8.19 -52.24
N ALA E 56 -12.52 -7.42 -51.39
CA ALA E 56 -13.53 -7.96 -50.50
C ALA E 56 -14.94 -7.68 -51.00
N THR E 57 -15.75 -8.73 -51.05
CA THR E 57 -17.14 -8.63 -51.49
C THR E 57 -17.91 -9.75 -50.82
N GLY E 58 -18.64 -9.41 -49.76
CA GLY E 58 -19.41 -10.42 -49.06
C GLY E 58 -19.26 -10.42 -47.55
N TRP E 59 -19.73 -11.49 -46.93
CA TRP E 59 -19.67 -11.63 -45.47
C TRP E 59 -18.46 -12.45 -45.04
N LYS E 60 -17.60 -11.85 -44.23
CA LYS E 60 -16.41 -12.53 -43.75
C LYS E 60 -16.36 -12.51 -42.22
N LYS E 61 -15.96 -13.64 -41.64
CA LYS E 61 -15.88 -13.80 -40.20
C LYS E 61 -14.59 -13.21 -39.61
N ILE E 62 -14.16 -12.07 -40.17
CA ILE E 62 -12.93 -11.40 -39.73
C ILE E 62 -12.87 -11.14 -38.23
N ALA E 63 -11.85 -11.72 -37.58
CA ALA E 63 -11.63 -11.57 -36.15
C ALA E 63 -12.89 -11.90 -35.36
N ASP E 64 -13.65 -12.89 -35.85
CA ASP E 64 -14.90 -13.31 -35.20
C ASP E 64 -15.95 -12.21 -35.28
N LYS E 65 -15.76 -11.29 -36.22
CA LYS E 65 -16.69 -10.20 -36.44
C LYS E 65 -17.16 -10.20 -37.89
N TRP E 66 -18.43 -10.55 -38.08
CA TRP E 66 -19.04 -10.60 -39.41
C TRP E 66 -19.22 -9.20 -39.98
N TYR E 67 -18.68 -8.98 -41.18
CA TYR E 67 -18.79 -7.71 -41.86
C TYR E 67 -19.49 -7.90 -43.20
N TYR E 68 -19.46 -6.87 -44.03
CA TYR E 68 -20.07 -6.94 -45.36
C TYR E 68 -19.46 -5.94 -46.33
N PHE E 69 -19.49 -6.32 -47.61
CA PHE E 69 -18.96 -5.50 -48.68
C PHE E 69 -19.84 -5.76 -49.90
N ASN E 70 -20.20 -4.69 -50.61
CA ASN E 70 -21.03 -4.83 -51.81
C ASN E 70 -20.19 -5.38 -52.96
N GLU E 71 -20.67 -5.20 -54.19
CA GLU E 71 -19.93 -5.66 -55.36
C GLU E 71 -19.05 -4.49 -55.82
N GLU E 72 -18.51 -3.75 -54.86
CA GLU E 72 -17.64 -2.60 -55.14
C GLU E 72 -16.38 -2.66 -54.29
N GLY E 73 -16.30 -3.65 -53.40
CA GLY E 73 -15.14 -3.81 -52.54
C GLY E 73 -15.20 -2.95 -51.28
N ALA E 74 -16.12 -1.99 -51.27
CA ALA E 74 -16.30 -1.10 -50.13
C ALA E 74 -17.20 -1.68 -49.06
N MET E 75 -16.92 -1.31 -47.81
CA MET E 75 -17.70 -1.79 -46.67
C MET E 75 -18.97 -0.97 -46.52
N LYS E 76 -20.03 -1.61 -46.05
CA LYS E 76 -21.30 -0.93 -45.86
C LYS E 76 -21.75 -0.94 -44.39
N THR E 77 -22.30 0.19 -43.96
CA THR E 77 -22.80 0.35 -42.61
C THR E 77 -24.33 0.24 -42.68
N GLY E 78 -25.03 0.82 -41.70
CA GLY E 78 -26.48 0.77 -41.70
C GLY E 78 -27.08 -0.60 -41.97
N TRP E 79 -28.40 -0.66 -42.15
CA TRP E 79 -29.06 -1.93 -42.41
C TRP E 79 -28.71 -2.46 -43.80
N VAL E 80 -28.79 -3.78 -43.94
CA VAL E 80 -28.49 -4.43 -45.21
C VAL E 80 -29.18 -5.79 -45.26
N LYS E 81 -30.08 -5.97 -46.24
CA LYS E 81 -30.82 -7.22 -46.38
C LYS E 81 -30.05 -8.28 -47.16
N TYR E 82 -30.32 -9.54 -46.82
CA TYR E 82 -29.69 -10.70 -47.44
C TYR E 82 -30.60 -11.91 -47.25
N LYS E 83 -31.08 -12.48 -48.35
CA LYS E 83 -31.96 -13.65 -48.29
C LYS E 83 -33.25 -13.31 -47.54
N ASP E 84 -33.79 -12.12 -47.81
CA ASP E 84 -35.01 -11.64 -47.15
C ASP E 84 -34.78 -11.16 -45.73
N THR E 85 -33.64 -11.52 -45.14
CA THR E 85 -33.34 -11.13 -43.76
C THR E 85 -32.49 -9.87 -43.66
N TRP E 86 -32.83 -9.03 -42.69
CA TRP E 86 -32.12 -7.79 -42.46
C TRP E 86 -31.00 -7.98 -41.43
N TYR E 87 -29.84 -7.43 -41.74
CA TYR E 87 -28.68 -7.52 -40.86
C TYR E 87 -28.05 -6.15 -40.65
N TYR E 88 -28.46 -5.47 -39.60
CA TYR E 88 -27.93 -4.15 -39.29
C TYR E 88 -26.44 -4.26 -38.99
N LEU E 89 -25.69 -3.23 -39.36
CA LEU E 89 -24.26 -3.19 -39.12
C LEU E 89 -23.85 -1.94 -38.34
N ASP E 90 -22.88 -2.09 -37.46
CA ASP E 90 -22.40 -0.98 -36.65
C ASP E 90 -22.11 0.24 -37.53
N ALA E 91 -22.94 1.26 -37.41
CA ALA E 91 -22.80 2.48 -38.19
C ALA E 91 -21.35 2.96 -38.27
N LYS E 92 -20.54 2.54 -37.31
CA LYS E 92 -19.13 2.93 -37.25
C LYS E 92 -18.19 1.80 -37.68
N GLU E 93 -17.71 1.00 -36.74
CA GLU E 93 -16.80 -0.11 -37.07
C GLU E 93 -17.30 -0.98 -38.21
N GLY E 94 -18.59 -0.90 -38.50
CA GLY E 94 -19.16 -1.70 -39.58
C GLY E 94 -19.54 -3.10 -39.16
N ALA E 95 -18.80 -3.67 -38.22
CA ALA E 95 -19.06 -5.02 -37.75
C ALA E 95 -20.55 -5.25 -37.48
N MET E 96 -21.02 -6.45 -37.80
CA MET E 96 -22.41 -6.80 -37.60
C MET E 96 -22.80 -6.70 -36.12
N VAL E 97 -23.99 -6.20 -35.85
CA VAL E 97 -24.50 -6.06 -34.48
C VAL E 97 -25.30 -7.30 -34.10
N SER E 98 -25.15 -7.76 -32.86
CA SER E 98 -25.88 -8.95 -32.40
C SER E 98 -26.47 -8.80 -30.99
N ASN E 99 -27.67 -9.35 -30.81
CA ASN E 99 -28.38 -9.30 -29.53
C ASN E 99 -28.34 -7.90 -28.93
N ALA E 100 -28.58 -6.89 -29.77
CA ALA E 100 -28.56 -5.49 -29.33
C ALA E 100 -29.65 -4.65 -29.99
N PHE E 101 -30.42 -3.94 -29.17
CA PHE E 101 -31.50 -3.07 -29.67
C PHE E 101 -30.95 -1.91 -30.51
N ILE E 102 -31.56 -1.67 -31.65
CA ILE E 102 -31.13 -0.56 -32.51
C ILE E 102 -32.33 0.37 -32.69
N GLN E 103 -32.10 1.67 -32.49
CA GLN E 103 -33.18 2.63 -32.60
C GLN E 103 -33.58 2.93 -34.04
N SER E 104 -34.88 3.01 -34.28
CA SER E 104 -35.42 3.31 -35.60
C SER E 104 -34.85 4.62 -36.14
N ALA E 105 -34.95 4.81 -37.45
CA ALA E 105 -34.44 6.03 -38.07
C ALA E 105 -35.12 7.26 -37.49
N ASP E 106 -36.41 7.13 -37.15
CA ASP E 106 -37.16 8.25 -36.59
C ASP E 106 -37.28 8.20 -35.06
N GLY E 107 -36.34 7.51 -34.42
CA GLY E 107 -36.33 7.39 -32.97
C GLY E 107 -37.66 7.15 -32.26
N THR E 108 -38.54 6.36 -32.88
CA THR E 108 -39.84 6.08 -32.27
C THR E 108 -39.82 4.75 -31.54
N GLY E 109 -39.11 3.80 -32.13
CA GLY E 109 -39.01 2.48 -31.55
C GLY E 109 -37.65 1.87 -31.83
N TRP E 110 -37.48 0.61 -31.41
CA TRP E 110 -36.21 -0.07 -31.61
C TRP E 110 -36.40 -1.42 -32.29
N TYR E 111 -35.53 -1.72 -33.24
CA TYR E 111 -35.58 -2.98 -33.96
C TYR E 111 -34.60 -3.94 -33.28
N TYR E 112 -35.12 -4.92 -32.55
CA TYR E 112 -34.25 -5.88 -31.87
C TYR E 112 -33.49 -6.80 -32.83
N LEU E 113 -32.32 -7.24 -32.40
CA LEU E 113 -31.50 -8.15 -33.18
C LEU E 113 -31.18 -9.32 -32.26
N LYS E 114 -31.51 -10.53 -32.71
CA LYS E 114 -31.29 -11.74 -31.93
C LYS E 114 -29.82 -12.15 -31.79
N PRO E 115 -29.51 -13.07 -30.86
CA PRO E 115 -28.13 -13.52 -30.65
C PRO E 115 -27.56 -13.85 -32.01
N ASP E 116 -28.36 -14.60 -32.76
CA ASP E 116 -28.04 -15.05 -34.10
C ASP E 116 -27.43 -13.96 -34.98
N GLY E 117 -28.18 -12.89 -35.18
CA GLY E 117 -27.73 -11.78 -36.00
C GLY E 117 -28.93 -11.37 -36.85
N THR E 118 -29.97 -12.19 -36.75
CA THR E 118 -31.22 -11.99 -37.46
C THR E 118 -32.13 -10.94 -36.84
N LEU E 119 -32.83 -10.19 -37.68
CA LEU E 119 -33.76 -9.18 -37.20
C LEU E 119 -35.00 -9.88 -36.67
N ALA E 120 -35.15 -9.95 -35.35
CA ALA E 120 -36.31 -10.58 -34.77
C ALA E 120 -37.56 -9.84 -35.27
N ASP E 121 -38.08 -10.29 -36.41
CA ASP E 121 -39.26 -9.69 -37.04
C ASP E 121 -40.39 -9.37 -36.05
N ARG E 122 -40.67 -10.31 -35.16
CA ARG E 122 -41.74 -10.10 -34.17
C ARG E 122 -41.34 -10.74 -32.85
N PRO E 123 -40.58 -10.01 -32.01
CA PRO E 123 -40.13 -10.51 -30.71
C PRO E 123 -41.19 -10.53 -29.60
N GLU E 124 -40.82 -11.14 -28.47
CA GLU E 124 -41.69 -11.25 -27.31
C GLU E 124 -40.88 -10.91 -26.06
N PHE E 125 -41.42 -10.06 -25.19
CA PHE E 125 -40.71 -9.67 -23.97
C PHE E 125 -41.37 -10.21 -22.70
N THR E 126 -40.73 -9.95 -21.56
CA THR E 126 -41.24 -10.41 -20.27
C THR E 126 -40.64 -9.54 -19.15
N VAL E 127 -41.47 -8.70 -18.55
CA VAL E 127 -40.99 -7.80 -17.50
C VAL E 127 -40.96 -8.41 -16.11
N GLU E 128 -39.75 -8.55 -15.57
CA GLU E 128 -39.55 -9.12 -14.24
C GLU E 128 -39.93 -8.08 -13.18
N PRO E 129 -40.04 -8.49 -11.91
CA PRO E 129 -40.41 -7.57 -10.82
C PRO E 129 -39.54 -6.32 -10.67
N ASP E 130 -38.25 -6.43 -10.96
CA ASP E 130 -37.34 -5.29 -10.82
C ASP E 130 -37.19 -4.49 -12.11
N GLY E 131 -37.90 -4.91 -13.16
CA GLY E 131 -37.82 -4.20 -14.44
C GLY E 131 -36.98 -4.94 -15.46
N LEU E 132 -36.39 -6.06 -15.06
CA LEU E 132 -35.55 -6.85 -15.96
C LEU E 132 -36.32 -7.34 -17.17
N ILE E 133 -35.86 -6.95 -18.36
CA ILE E 133 -36.51 -7.32 -19.61
C ILE E 133 -35.84 -8.49 -20.35
N THR E 134 -36.63 -9.53 -20.64
CA THR E 134 -36.11 -10.70 -21.36
C THR E 134 -36.72 -10.76 -22.74
N VAL E 135 -35.88 -10.86 -23.76
CA VAL E 135 -36.35 -10.88 -25.12
C VAL E 135 -36.26 -12.20 -25.85
N LYS E 136 -37.39 -12.64 -26.40
CA LYS E 136 -37.47 -13.89 -27.16
C LYS E 136 -37.69 -13.57 -28.64
N GLY F 3 -1.73 30.20 -8.39
CA GLY F 3 -1.95 28.73 -8.21
C GLY F 3 -2.09 28.32 -6.75
N GLY F 4 -1.25 27.39 -6.31
CA GLY F 4 -1.35 26.93 -4.94
C GLY F 4 -0.15 27.03 -4.01
N ILE F 5 0.67 25.98 -3.98
CA ILE F 5 1.82 25.91 -3.08
C ILE F 5 3.23 26.14 -3.65
N VAL F 6 4.11 26.66 -2.79
CA VAL F 6 5.53 26.92 -3.09
C VAL F 6 6.33 26.77 -1.80
N HIS F 7 7.38 25.97 -1.80
CA HIS F 7 8.14 25.84 -0.56
C HIS F 7 9.12 27.01 -0.40
N SER F 8 9.85 27.04 0.72
CA SER F 8 10.79 28.11 0.96
C SER F 8 11.94 27.99 -0.03
N ASP F 9 12.35 26.76 -0.33
CA ASP F 9 13.44 26.57 -1.27
C ASP F 9 13.05 26.99 -2.68
N GLY F 10 11.76 27.19 -2.92
CA GLY F 10 11.29 27.62 -4.23
C GLY F 10 10.68 26.54 -5.10
N SER F 11 10.89 25.29 -4.71
CA SER F 11 10.37 24.15 -5.43
C SER F 11 8.85 24.07 -5.23
N TYR F 12 8.16 23.36 -6.11
CA TYR F 12 6.71 23.24 -6.00
C TYR F 12 6.16 21.87 -6.37
N PRO F 13 4.99 21.50 -5.80
CA PRO F 13 4.35 20.21 -6.08
C PRO F 13 4.17 20.08 -7.57
N LYS F 14 4.66 18.98 -8.12
CA LYS F 14 4.55 18.71 -9.55
C LYS F 14 3.78 17.41 -9.75
N ASP F 15 2.84 17.46 -10.68
CA ASP F 15 2.03 16.31 -11.03
C ASP F 15 1.49 15.50 -9.84
N LYS F 16 0.58 16.08 -9.06
CA LYS F 16 0.02 15.38 -7.92
C LYS F 16 -1.12 16.11 -7.21
N PHE F 17 -1.95 15.36 -6.49
CA PHE F 17 -3.06 15.95 -5.77
C PHE F 17 -2.55 16.82 -4.63
N GLU F 18 -3.44 17.57 -4.01
CA GLU F 18 -3.03 18.50 -2.97
C GLU F 18 -4.29 19.17 -2.42
N LYS F 19 -4.57 18.98 -1.13
CA LYS F 19 -5.73 19.62 -0.54
C LYS F 19 -5.29 20.92 0.12
N ILE F 20 -5.71 22.03 -0.46
CA ILE F 20 -5.37 23.36 0.03
C ILE F 20 -6.60 24.04 0.62
N ASN F 21 -6.46 24.59 1.82
CA ASN F 21 -7.59 25.27 2.45
C ASN F 21 -8.88 24.47 2.43
N GLY F 22 -8.81 23.14 2.40
CA GLY F 22 -10.01 22.33 2.38
C GLY F 22 -10.54 21.80 1.05
N THR F 23 -10.00 22.30 -0.06
CA THR F 23 -10.45 21.84 -1.37
C THR F 23 -9.37 21.15 -2.19
N TRP F 24 -9.72 19.99 -2.74
CA TRP F 24 -8.78 19.23 -3.54
C TRP F 24 -8.49 19.76 -4.94
N TYR F 25 -7.22 19.99 -5.23
CA TYR F 25 -6.81 20.46 -6.56
C TYR F 25 -5.76 19.47 -7.04
N TYR F 26 -5.43 19.53 -8.32
CA TYR F 26 -4.39 18.68 -8.90
C TYR F 26 -3.37 19.56 -9.67
N PHE F 27 -2.09 19.42 -9.36
CA PHE F 27 -1.07 20.22 -10.04
C PHE F 27 -0.28 19.44 -11.07
N ASP F 28 -0.21 19.96 -12.30
CA ASP F 28 0.49 19.25 -13.36
C ASP F 28 2.01 19.20 -13.22
N SER F 29 2.65 18.72 -14.29
CA SER F 29 4.10 18.60 -14.33
C SER F 29 4.83 19.93 -14.18
N SER F 30 4.20 21.02 -14.61
CA SER F 30 4.79 22.34 -14.48
C SER F 30 4.36 23.05 -13.19
N GLY F 31 3.50 22.41 -12.40
CA GLY F 31 3.05 23.02 -11.16
C GLY F 31 1.80 23.89 -11.23
N TYR F 32 1.09 23.86 -12.36
CA TYR F 32 -0.14 24.65 -12.50
C TYR F 32 -1.36 23.78 -12.19
N MET F 33 -2.36 24.33 -11.51
CA MET F 33 -3.54 23.53 -11.18
C MET F 33 -4.39 23.27 -12.40
N LEU F 34 -4.83 22.02 -12.58
CA LEU F 34 -5.69 21.66 -13.70
C LEU F 34 -7.04 22.32 -13.44
N ALA F 35 -7.58 22.97 -14.47
CA ALA F 35 -8.87 23.64 -14.38
C ALA F 35 -9.62 23.34 -15.67
N ASP F 36 -10.92 23.04 -15.57
CA ASP F 36 -11.71 22.71 -16.75
C ASP F 36 -11.04 21.58 -17.51
N ARG F 37 -10.64 20.54 -16.80
CA ARG F 37 -9.96 19.42 -17.45
C ARG F 37 -10.22 18.07 -16.82
N TRP F 38 -10.15 17.04 -17.66
CA TRP F 38 -10.31 15.67 -17.22
C TRP F 38 -8.88 15.17 -17.03
N ARG F 39 -8.68 14.22 -16.13
CA ARG F 39 -7.36 13.67 -15.90
C ARG F 39 -7.46 12.19 -15.64
N LYS F 40 -6.87 11.39 -16.52
CA LYS F 40 -6.89 9.95 -16.31
C LYS F 40 -5.69 9.70 -15.39
N HIS F 41 -5.95 9.66 -14.10
CA HIS F 41 -4.90 9.47 -13.11
C HIS F 41 -4.32 8.06 -13.12
N THR F 42 -3.11 7.95 -12.61
CA THR F 42 -2.39 6.68 -12.55
C THR F 42 -2.99 5.70 -11.54
N ASP F 43 -4.14 6.06 -10.96
CA ASP F 43 -4.79 5.15 -10.02
C ASP F 43 -5.92 4.46 -10.78
N GLY F 44 -5.93 4.68 -12.10
CA GLY F 44 -6.94 4.09 -12.97
C GLY F 44 -8.28 4.79 -13.03
N ASN F 45 -8.44 5.89 -12.30
CA ASN F 45 -9.70 6.63 -12.30
C ASN F 45 -9.66 7.94 -13.09
N TRP F 46 -10.84 8.42 -13.49
CA TRP F 46 -10.95 9.68 -14.21
C TRP F 46 -11.42 10.73 -13.20
N TYR F 47 -10.76 11.87 -13.20
CA TYR F 47 -11.12 12.96 -12.31
C TYR F 47 -11.47 14.14 -13.19
N TRP F 48 -12.15 15.12 -12.63
CA TRP F 48 -12.48 16.32 -13.37
C TRP F 48 -12.35 17.47 -12.40
N PHE F 49 -11.82 18.57 -12.88
CA PHE F 49 -11.62 19.76 -12.08
C PHE F 49 -12.34 20.91 -12.77
N ASP F 50 -13.17 21.62 -12.02
CA ASP F 50 -13.94 22.72 -12.60
C ASP F 50 -13.11 23.93 -13.00
N ASN F 51 -13.79 25.05 -13.17
CA ASN F 51 -13.14 26.27 -13.60
C ASN F 51 -12.27 26.84 -12.50
N SER F 52 -12.62 26.55 -11.25
CA SER F 52 -11.87 27.03 -10.11
C SER F 52 -10.82 26.01 -9.73
N GLY F 53 -10.66 24.99 -10.57
CA GLY F 53 -9.67 23.95 -10.33
C GLY F 53 -10.02 22.97 -9.23
N GLU F 54 -11.27 22.96 -8.79
CA GLU F 54 -11.70 22.07 -7.73
C GLU F 54 -12.18 20.70 -8.19
N MET F 55 -11.59 19.65 -7.61
CA MET F 55 -11.95 18.28 -7.93
C MET F 55 -13.45 18.01 -7.80
N ALA F 56 -14.04 17.48 -8.86
CA ALA F 56 -15.46 17.16 -8.90
C ALA F 56 -15.81 16.11 -7.88
N THR F 57 -17.05 16.16 -7.41
CA THR F 57 -17.56 15.21 -6.44
C THR F 57 -19.07 15.26 -6.70
N GLY F 58 -19.74 14.12 -6.61
CA GLY F 58 -21.17 14.10 -6.86
C GLY F 58 -21.45 14.20 -8.35
N TRP F 59 -22.61 14.73 -8.72
CA TRP F 59 -22.95 14.84 -10.13
C TRP F 59 -22.50 16.16 -10.73
N LYS F 60 -22.07 16.12 -11.98
CA LYS F 60 -21.63 17.31 -12.70
C LYS F 60 -22.05 17.25 -14.15
N LYS F 61 -22.66 18.33 -14.64
CA LYS F 61 -23.07 18.37 -16.02
C LYS F 61 -21.86 18.92 -16.76
N ILE F 62 -21.07 18.04 -17.37
CA ILE F 62 -19.88 18.43 -18.11
C ILE F 62 -20.11 18.33 -19.64
N ALA F 63 -20.34 19.49 -20.25
CA ALA F 63 -20.57 19.58 -21.71
C ALA F 63 -21.82 18.86 -22.17
N ASP F 64 -22.92 19.03 -21.45
CA ASP F 64 -24.20 18.39 -21.77
C ASP F 64 -24.39 16.96 -21.33
N LYS F 65 -23.37 16.36 -20.75
CA LYS F 65 -23.49 14.99 -20.29
C LYS F 65 -23.33 14.97 -18.78
N TRP F 66 -24.15 14.19 -18.10
CA TRP F 66 -24.04 14.10 -16.64
C TRP F 66 -23.08 12.96 -16.31
N TYR F 67 -22.25 13.20 -15.30
CA TYR F 67 -21.26 12.22 -14.84
C TYR F 67 -21.34 12.21 -13.34
N TYR F 68 -21.07 11.08 -12.73
CA TYR F 68 -21.11 11.02 -11.28
C TYR F 68 -19.73 10.72 -10.72
N PHE F 69 -19.34 11.47 -9.70
CA PHE F 69 -18.03 11.28 -9.08
C PHE F 69 -18.28 10.96 -7.61
N ASN F 70 -17.58 9.95 -7.09
CA ASN F 70 -17.75 9.57 -5.69
C ASN F 70 -17.07 10.60 -4.77
N GLU F 71 -17.15 10.37 -3.46
CA GLU F 71 -16.55 11.29 -2.49
C GLU F 71 -15.04 11.47 -2.67
N GLU F 72 -14.35 10.41 -3.02
CA GLU F 72 -12.91 10.47 -3.26
C GLU F 72 -12.58 11.09 -4.62
N GLY F 73 -13.57 11.71 -5.26
CA GLY F 73 -13.37 12.35 -6.54
C GLY F 73 -13.24 11.49 -7.80
N ALA F 74 -13.35 10.17 -7.67
CA ALA F 74 -13.26 9.30 -8.84
C ALA F 74 -14.59 9.26 -9.58
N MET F 75 -14.52 9.25 -10.92
CA MET F 75 -15.71 9.18 -11.77
C MET F 75 -16.18 7.73 -11.72
N LYS F 76 -17.47 7.53 -11.47
CA LYS F 76 -18.02 6.18 -11.43
C LYS F 76 -18.61 5.78 -12.79
N THR F 77 -19.06 4.53 -12.89
CA THR F 77 -19.70 4.00 -14.11
C THR F 77 -20.72 2.96 -13.63
N GLY F 78 -21.58 2.47 -14.51
CA GLY F 78 -22.56 1.50 -14.08
C GLY F 78 -23.81 2.05 -13.40
N TRP F 79 -24.41 1.25 -12.53
CA TRP F 79 -25.61 1.70 -11.84
C TRP F 79 -25.26 2.53 -10.62
N VAL F 80 -26.00 3.61 -10.45
CA VAL F 80 -25.82 4.51 -9.33
C VAL F 80 -27.22 4.93 -8.94
N LYS F 81 -27.46 5.19 -7.65
CA LYS F 81 -28.78 5.58 -7.17
C LYS F 81 -28.75 6.96 -6.57
N TYR F 82 -29.54 7.87 -7.12
CA TYR F 82 -29.62 9.24 -6.63
C TYR F 82 -31.08 9.55 -6.30
N LYS F 83 -31.31 10.16 -5.14
CA LYS F 83 -32.67 10.45 -4.70
C LYS F 83 -33.60 9.23 -4.79
N ASP F 84 -33.09 8.08 -4.38
CA ASP F 84 -33.83 6.83 -4.35
C ASP F 84 -34.20 6.20 -5.68
N THR F 85 -33.89 6.87 -6.78
CA THR F 85 -34.19 6.33 -8.11
C THR F 85 -32.90 5.94 -8.82
N TRP F 86 -32.95 4.92 -9.67
CA TRP F 86 -31.76 4.46 -10.37
C TRP F 86 -31.37 5.14 -11.66
N TYR F 87 -30.07 5.16 -11.93
CA TYR F 87 -29.51 5.74 -13.15
C TYR F 87 -28.36 4.86 -13.57
N TYR F 88 -27.99 4.93 -14.85
CA TYR F 88 -26.88 4.14 -15.35
C TYR F 88 -25.84 5.03 -16.06
N LEU F 89 -24.57 4.76 -15.78
CA LEU F 89 -23.46 5.53 -16.36
C LEU F 89 -22.62 4.67 -17.29
N ASP F 90 -22.70 4.94 -18.59
CA ASP F 90 -21.94 4.18 -19.59
C ASP F 90 -20.65 3.58 -19.06
N ALA F 91 -20.51 2.27 -19.22
CA ALA F 91 -19.30 1.59 -18.73
C ALA F 91 -18.02 2.06 -19.41
N LYS F 92 -18.14 2.69 -20.56
CA LYS F 92 -16.97 3.14 -21.30
C LYS F 92 -16.67 4.64 -21.11
N GLU F 93 -17.49 5.48 -21.72
CA GLU F 93 -17.31 6.93 -21.65
C GLU F 93 -17.65 7.53 -20.29
N GLY F 94 -18.63 6.96 -19.59
CA GLY F 94 -19.02 7.47 -18.28
C GLY F 94 -20.27 8.34 -18.16
N ALA F 95 -20.81 8.84 -19.28
CA ALA F 95 -22.00 9.71 -19.24
C ALA F 95 -23.29 8.94 -19.02
N MET F 96 -24.21 9.55 -18.27
CA MET F 96 -25.52 8.96 -17.95
C MET F 96 -26.34 8.66 -19.20
N VAL F 97 -26.72 7.39 -19.33
CA VAL F 97 -27.53 6.92 -20.46
C VAL F 97 -29.01 7.27 -20.26
N SER F 98 -29.70 7.58 -21.34
CA SER F 98 -31.11 7.92 -21.27
C SER F 98 -31.82 7.43 -22.52
N ASN F 99 -33.03 6.89 -22.33
CA ASN F 99 -33.81 6.32 -23.42
C ASN F 99 -32.93 5.32 -24.16
N ALA F 100 -32.64 4.20 -23.48
CA ALA F 100 -31.81 3.15 -24.06
C ALA F 100 -31.91 1.87 -23.23
N PHE F 101 -31.50 0.75 -23.82
CA PHE F 101 -31.54 -0.52 -23.12
C PHE F 101 -30.14 -0.87 -22.62
N ILE F 102 -30.04 -1.28 -21.37
CA ILE F 102 -28.75 -1.64 -20.81
C ILE F 102 -28.78 -3.11 -20.38
N GLN F 103 -27.86 -3.90 -20.95
CA GLN F 103 -27.77 -5.32 -20.66
C GLN F 103 -27.47 -5.56 -19.18
N SER F 104 -28.18 -6.51 -18.59
CA SER F 104 -27.98 -6.85 -17.19
C SER F 104 -26.59 -7.46 -17.00
N ALA F 105 -26.13 -7.52 -15.75
CA ALA F 105 -24.81 -8.07 -15.46
C ALA F 105 -24.67 -9.50 -15.97
N ASP F 106 -25.68 -10.31 -15.72
CA ASP F 106 -25.66 -11.71 -16.14
C ASP F 106 -26.01 -11.93 -17.62
N GLY F 107 -26.13 -10.84 -18.38
CA GLY F 107 -26.44 -10.95 -19.79
C GLY F 107 -27.73 -11.67 -20.15
N THR F 108 -28.52 -12.02 -19.14
CA THR F 108 -29.77 -12.73 -19.37
C THR F 108 -30.90 -11.83 -19.87
N GLY F 109 -30.75 -10.53 -19.69
CA GLY F 109 -31.79 -9.61 -20.13
C GLY F 109 -31.31 -8.19 -20.34
N TRP F 110 -32.23 -7.26 -20.09
CA TRP F 110 -31.95 -5.84 -20.25
C TRP F 110 -32.67 -5.01 -19.20
N TYR F 111 -32.37 -3.72 -19.24
CA TYR F 111 -33.00 -2.74 -18.38
C TYR F 111 -33.15 -1.55 -19.30
N TYR F 112 -34.30 -0.89 -19.23
CA TYR F 112 -34.54 0.27 -20.06
C TYR F 112 -34.60 1.55 -19.22
N LEU F 113 -33.78 2.54 -19.61
CA LEU F 113 -33.79 3.82 -18.93
C LEU F 113 -34.58 4.78 -19.81
N LYS F 114 -35.54 5.48 -19.22
CA LYS F 114 -36.38 6.40 -19.96
C LYS F 114 -35.64 7.60 -20.56
N PRO F 115 -36.34 8.49 -21.27
CA PRO F 115 -35.66 9.66 -21.87
C PRO F 115 -35.00 10.57 -20.84
N ASP F 116 -35.49 10.54 -19.60
CA ASP F 116 -34.96 11.40 -18.55
C ASP F 116 -33.85 10.75 -17.75
N GLY F 117 -33.45 9.55 -18.17
CA GLY F 117 -32.37 8.86 -17.48
C GLY F 117 -32.80 7.89 -16.41
N THR F 118 -34.00 8.05 -15.83
CA THR F 118 -34.45 7.14 -14.78
C THR F 118 -34.78 5.73 -15.25
N LEU F 119 -34.79 4.79 -14.31
CA LEU F 119 -35.05 3.40 -14.64
C LEU F 119 -36.53 3.07 -14.71
N ALA F 120 -36.90 2.32 -15.75
CA ALA F 120 -38.29 1.90 -15.94
C ALA F 120 -38.50 0.66 -15.07
N ASP F 121 -39.29 0.81 -14.02
CA ASP F 121 -39.57 -0.30 -13.11
C ASP F 121 -40.50 -1.32 -13.76
N ARG F 122 -41.39 -0.82 -14.62
CA ARG F 122 -42.33 -1.69 -15.30
C ARG F 122 -42.62 -1.11 -16.68
N PRO F 123 -41.78 -1.46 -17.66
CA PRO F 123 -41.86 -1.01 -19.05
C PRO F 123 -42.81 -1.86 -19.89
N GLU F 124 -43.76 -1.21 -20.55
CA GLU F 124 -44.71 -1.93 -21.41
C GLU F 124 -44.29 -1.75 -22.86
N PHE F 125 -44.19 -2.85 -23.60
CA PHE F 125 -43.77 -2.79 -25.00
C PHE F 125 -44.92 -2.87 -26.01
N THR F 126 -44.57 -2.71 -27.29
CA THR F 126 -45.55 -2.75 -28.37
C THR F 126 -44.87 -3.02 -29.70
N VAL F 127 -45.06 -4.22 -30.24
CA VAL F 127 -44.46 -4.58 -31.52
C VAL F 127 -45.45 -4.27 -32.65
N GLU F 128 -44.94 -3.62 -33.70
CA GLU F 128 -45.77 -3.26 -34.85
C GLU F 128 -45.38 -4.12 -36.05
N PRO F 129 -46.27 -4.23 -37.07
CA PRO F 129 -45.98 -5.05 -38.25
C PRO F 129 -44.56 -4.83 -38.74
N ASP F 130 -44.26 -3.57 -39.05
CA ASP F 130 -42.93 -3.14 -39.51
C ASP F 130 -41.78 -3.90 -38.86
N GLY F 131 -41.85 -4.07 -37.54
CA GLY F 131 -40.82 -4.75 -36.80
C GLY F 131 -40.34 -3.86 -35.65
N LEU F 132 -40.90 -2.65 -35.60
CA LEU F 132 -40.56 -1.67 -34.59
C LEU F 132 -41.02 -2.12 -33.22
N ILE F 133 -40.38 -1.58 -32.19
CA ILE F 133 -40.73 -1.88 -30.80
C ILE F 133 -40.79 -0.54 -30.10
N THR F 134 -41.92 -0.24 -29.46
CA THR F 134 -42.07 1.02 -28.75
C THR F 134 -42.20 0.73 -27.26
N VAL F 135 -41.51 1.51 -26.43
CA VAL F 135 -41.56 1.30 -24.97
C VAL F 135 -42.20 2.47 -24.23
N LYS F 136 -43.18 2.15 -23.39
CA LYS F 136 -43.89 3.17 -22.61
C LYS F 136 -43.77 2.89 -21.10
#